data_6HHW
#
_entry.id   6HHW
#
_cell.length_a   81.755
_cell.length_b   112.887
_cell.length_c   87.529
_cell.angle_alpha   90.000
_cell.angle_beta   104.920
_cell.angle_gamma   90.000
#
_symmetry.space_group_name_H-M   'P 1 21 1'
#
loop_
_entity.id
_entity.type
_entity.pdbx_description
1 polymer 'Aspartate--tRNA(Asp) ligase'
2 non-polymer "5'-O-(N-(L-aspartyl)-sulfamoyl)uridine"
3 water water
#
_entity_poly.entity_id   1
_entity_poly.type   'polypeptide(L)'
_entity_poly.pdbx_seq_one_letter_code
;GMRRTHYAGSLRETHVGEEVVLEGWVNRRRDLGGLIFLDLRDREGLVQLVAHPASPAYATAERVRPEWVVRAKGLVRLRP
EPNPRLATGRVEVELSALEVLAEAKTPPFPVDAGWRGEEEKEASEELRLKYRYLDLRRRRMQENLRLRHRVIKAIWDFLD
REGFVQVETPFLTKSTPEGARDFLVPYRHEPGLFYALPQSPQLFKQMLMVAGLDRYFQIARCFRDEDLRADRQPDFTQLD
LEMSFVEVEDVLELNERLMAHVFREALGVELPLPFPRLSYEEAMERYGSDKPDLRFGLELKEVGPLFRQSGFRVFQEAES
VKALALPKALSRKEVAELEEVAKRHKAQGLAWARVEEGGFSGGVAKFLEPVREALLQATEARPGDTLLFVAGPRKVAATA
LGAVRLRAADLLGLKREGFRFLWVVDFPLLEWDEEEEAWTYMHHPFTSPHPEDLPLLEKDPGRVRALAYDLVLNGVEVGG
GSIRIHDPRLQARVFRLLGIGEEEQREKFGFFLEALEYGAPPHGGIAWGLDRLLALMTGSPSIREVIAFPKNKEGKDPLT
GAPSPVPEEQLRELGLMVVRP
;
_entity_poly.pdbx_strand_id   A,B
#
loop_
_chem_comp.id
_chem_comp.type
_chem_comp.name
_chem_comp.formula
G5H non-polymer 5'-O-(N-(L-aspartyl)-sulfamoyl)uridine 'C13 H18 N4 O11 S'
#
# COMPACT_ATOMS: atom_id res chain seq x y z
N GLY A 1 -3.17 26.31 17.34
CA GLY A 1 -2.33 26.04 16.18
C GLY A 1 -0.89 25.70 16.55
N MET A 2 -0.06 25.53 15.53
CA MET A 2 1.36 25.22 15.75
C MET A 2 2.08 26.43 16.35
N ARG A 3 3.23 26.17 16.96
CA ARG A 3 4.05 27.25 17.48
C ARG A 3 4.92 27.89 16.40
N ARG A 4 5.37 27.11 15.43
CA ARG A 4 6.19 27.66 14.36
C ARG A 4 5.32 28.41 13.37
N THR A 5 5.85 29.52 12.85
CA THR A 5 5.14 30.31 11.87
C THR A 5 5.45 29.88 10.44
N HIS A 6 6.61 29.28 10.21
CA HIS A 6 7.05 28.91 8.87
C HIS A 6 7.97 27.71 8.99
N TYR A 7 8.06 26.94 7.91
CA TYR A 7 9.22 26.08 7.69
C TYR A 7 10.47 26.94 7.58
N ALA A 8 11.53 26.54 8.27
CA ALA A 8 12.78 27.29 8.25
C ALA A 8 13.27 27.49 6.82
N GLY A 9 13.28 26.42 6.02
CA GLY A 9 13.79 26.51 4.67
C GLY A 9 12.93 27.30 3.70
N SER A 10 11.75 27.74 4.13
CA SER A 10 10.82 28.44 3.24
C SER A 10 10.95 29.96 3.29
N LEU A 11 11.81 30.51 4.14
CA LEU A 11 11.88 31.96 4.28
C LEU A 11 12.60 32.57 3.07
N ARG A 12 12.10 33.74 2.64
CA ARG A 12 12.68 34.48 1.53
C ARG A 12 12.67 35.96 1.87
N GLU A 13 13.19 36.78 0.95
CA GLU A 13 13.21 38.22 1.16
C GLU A 13 11.81 38.79 1.35
N THR A 14 10.79 38.10 0.85
CA THR A 14 9.42 38.55 1.06
C THR A 14 9.00 38.53 2.52
N HIS A 15 9.76 37.84 3.38
CA HIS A 15 9.45 37.72 4.80
C HIS A 15 10.22 38.71 5.68
N VAL A 16 11.05 39.57 5.09
CA VAL A 16 11.80 40.54 5.86
C VAL A 16 10.85 41.44 6.63
N GLY A 17 11.15 41.65 7.91
CA GLY A 17 10.34 42.49 8.77
C GLY A 17 9.37 41.72 9.65
N GLU A 18 9.03 40.49 9.28
CA GLU A 18 8.13 39.68 10.09
C GLU A 18 8.86 39.03 11.25
N GLU A 19 8.15 38.84 12.35
CA GLU A 19 8.65 38.02 13.44
C GLU A 19 8.21 36.58 13.21
N VAL A 20 9.16 35.66 13.29
CA VAL A 20 8.91 34.26 12.96
C VAL A 20 9.23 33.39 14.17
N VAL A 21 8.65 32.21 14.18
CA VAL A 21 8.99 31.17 15.14
C VAL A 21 9.33 29.91 14.34
N LEU A 22 10.51 29.35 14.57
CA LEU A 22 11.02 28.24 13.79
C LEU A 22 11.47 27.12 14.70
N GLU A 23 11.38 25.89 14.19
CA GLU A 23 11.78 24.70 14.91
C GLU A 23 12.52 23.77 13.97
N GLY A 24 13.64 23.23 14.42
CA GLY A 24 14.42 22.35 13.57
C GLY A 24 15.70 21.93 14.24
N TRP A 25 16.66 21.49 13.41
CA TRP A 25 17.91 20.92 13.88
C TRP A 25 19.06 21.89 13.61
N VAL A 26 20.01 21.96 14.54
CA VAL A 26 21.20 22.80 14.39
C VAL A 26 22.15 22.11 13.40
N ASN A 27 22.23 22.65 12.19
CA ASN A 27 23.05 22.03 11.16
C ASN A 27 24.53 22.29 11.39
N ARG A 28 24.88 23.50 11.83
CA ARG A 28 26.25 23.90 12.01
C ARG A 28 26.26 25.20 12.82
N ARG A 29 27.37 25.45 13.51
CA ARG A 29 27.56 26.64 14.33
C ARG A 29 28.89 27.29 13.97
N ARG A 30 28.89 28.61 13.85
CA ARG A 30 30.08 29.37 13.54
C ARG A 30 30.09 30.66 14.35
N ASP A 31 31.25 31.01 14.88
CA ASP A 31 31.45 32.26 15.61
C ASP A 31 32.36 33.16 14.78
N LEU A 32 31.84 34.32 14.37
CA LEU A 32 32.62 35.29 13.61
C LEU A 32 32.31 36.69 14.09
N GLY A 33 33.35 37.48 14.36
CA GLY A 33 33.18 38.87 14.70
C GLY A 33 32.44 39.14 15.98
N GLY A 34 32.33 38.15 16.86
CA GLY A 34 31.52 38.28 18.05
C GLY A 34 30.06 37.94 17.86
N LEU A 35 29.65 37.59 16.65
CA LEU A 35 28.30 37.09 16.38
C LEU A 35 28.33 35.57 16.33
N ILE A 36 27.20 34.97 16.71
CA ILE A 36 27.02 33.51 16.65
C ILE A 36 26.10 33.22 15.48
N PHE A 37 26.57 32.40 14.55
CA PHE A 37 25.79 32.02 13.40
C PHE A 37 25.33 30.57 13.57
N LEU A 38 24.03 30.34 13.40
CA LEU A 38 23.47 29.00 13.47
C LEU A 38 22.71 28.74 12.17
N ASP A 39 23.09 27.70 11.45
CA ASP A 39 22.28 27.19 10.36
C ASP A 39 21.17 26.33 10.96
N LEU A 40 19.93 26.79 10.84
CA LEU A 40 18.76 26.06 11.32
C LEU A 40 18.12 25.30 10.17
N ARG A 41 17.82 24.02 10.40
CA ARG A 41 17.48 23.09 9.34
C ARG A 41 16.12 22.45 9.59
N ASP A 42 15.28 22.41 8.56
CA ASP A 42 14.20 21.43 8.52
C ASP A 42 14.07 20.94 7.07
N ARG A 43 12.98 20.23 6.79
CA ARG A 43 12.86 19.53 5.51
C ARG A 43 12.83 20.47 4.31
N GLU A 44 12.48 21.75 4.51
CA GLU A 44 12.43 22.70 3.41
C GLU A 44 13.76 23.43 3.18
N GLY A 45 14.78 23.21 4.03
CA GLY A 45 16.09 23.79 3.83
C GLY A 45 16.66 24.42 5.09
N LEU A 46 17.77 25.12 4.91
CA LEU A 46 18.48 25.82 5.97
C LEU A 46 18.12 27.30 5.99
N VAL A 47 18.14 27.88 7.18
CA VAL A 47 18.06 29.33 7.32
C VAL A 47 19.06 29.75 8.38
N GLN A 48 19.71 30.89 8.15
CA GLN A 48 20.75 31.37 9.04
C GLN A 48 20.12 32.17 10.18
N LEU A 49 20.39 31.75 11.41
CA LEU A 49 20.04 32.52 12.60
C LEU A 49 21.30 33.22 13.10
N VAL A 50 21.12 34.45 13.57
CA VAL A 50 22.22 35.27 14.07
C VAL A 50 21.88 35.71 15.49
N ALA A 51 22.79 35.45 16.42
CA ALA A 51 22.66 35.89 17.81
C ALA A 51 23.67 36.99 18.04
N HIS A 52 23.19 38.14 18.47
CA HIS A 52 24.07 39.25 18.80
C HIS A 52 24.31 39.29 20.30
N PRO A 53 25.44 39.88 20.72
CA PRO A 53 25.79 39.86 22.15
C PRO A 53 24.70 40.37 23.08
N ALA A 54 23.92 41.36 22.66
CA ALA A 54 22.86 41.88 23.53
C ALA A 54 21.64 40.99 23.60
N SER A 55 21.52 40.01 22.71
CA SER A 55 20.29 39.24 22.61
C SER A 55 20.13 38.27 23.77
N PRO A 56 18.91 38.10 24.29
CA PRO A 56 18.68 37.06 25.31
C PRO A 56 19.08 35.66 24.87
N ALA A 57 19.14 35.38 23.58
CA ALA A 57 19.47 34.04 23.08
C ALA A 57 20.97 33.80 22.96
N TYR A 58 21.81 34.76 23.35
CA TYR A 58 23.23 34.71 23.03
C TYR A 58 23.93 33.55 23.73
N ALA A 59 23.73 33.43 25.04
CA ALA A 59 24.35 32.33 25.78
C ALA A 59 23.85 30.98 25.29
N THR A 60 22.53 30.84 25.10
CA THR A 60 21.98 29.60 24.57
C THR A 60 22.60 29.24 23.21
N ALA A 61 22.72 30.22 22.31
CA ALA A 61 23.24 29.94 20.98
C ALA A 61 24.69 29.45 21.02
N GLU A 62 25.45 29.92 22.01
CA GLU A 62 26.85 29.52 22.15
C GLU A 62 26.98 28.06 22.60
N ARG A 63 26.04 27.56 23.38
CA ARG A 63 26.16 26.21 23.90
C ARG A 63 25.56 25.14 22.99
N VAL A 64 24.75 25.50 21.99
CA VAL A 64 24.09 24.45 21.21
C VAL A 64 25.10 23.78 20.29
N ARG A 65 24.81 22.54 19.92
CA ARG A 65 25.72 21.64 19.23
C ARG A 65 25.01 21.10 18.00
N PRO A 66 25.76 20.64 16.99
CA PRO A 66 25.12 20.06 15.80
C PRO A 66 24.08 18.99 16.15
N GLU A 67 22.95 19.04 15.42
CA GLU A 67 21.81 18.13 15.47
C GLU A 67 20.94 18.32 16.71
N TRP A 68 21.24 19.28 17.57
CA TRP A 68 20.29 19.63 18.62
C TRP A 68 19.00 20.16 18.00
N VAL A 69 17.86 19.79 18.59
CA VAL A 69 16.56 20.31 18.16
C VAL A 69 16.28 21.57 18.97
N VAL A 70 15.88 22.64 18.29
CA VAL A 70 15.66 23.93 18.94
C VAL A 70 14.39 24.56 18.39
N ARG A 71 13.84 25.48 19.17
CA ARG A 71 12.84 26.43 18.71
C ARG A 71 13.47 27.82 18.76
N ALA A 72 13.40 28.54 17.65
CA ALA A 72 14.04 29.86 17.53
C ALA A 72 12.99 30.90 17.16
N LYS A 73 13.14 32.10 17.74
CA LYS A 73 12.26 33.22 17.45
C LYS A 73 13.11 34.45 17.18
N GLY A 74 12.73 35.22 16.16
CA GLY A 74 13.47 36.42 15.85
C GLY A 74 12.88 37.14 14.66
N LEU A 75 13.63 38.14 14.17
CA LEU A 75 13.18 38.96 13.06
C LEU A 75 13.89 38.56 11.78
N VAL A 76 13.13 38.42 10.70
CA VAL A 76 13.72 38.17 9.39
C VAL A 76 14.37 39.44 8.88
N ARG A 77 15.68 39.38 8.61
CA ARG A 77 16.46 40.48 8.07
C ARG A 77 17.10 40.05 6.77
N LEU A 78 17.48 41.04 5.94
CA LEU A 78 18.33 40.76 4.80
C LEU A 78 19.76 40.48 5.28
N ARG A 79 20.41 39.52 4.62
CA ARG A 79 21.84 39.37 4.83
C ARG A 79 22.57 40.56 4.23
N PRO A 80 23.72 40.95 4.77
CA PRO A 80 24.53 41.96 4.07
C PRO A 80 24.97 41.48 2.70
N GLU A 81 25.37 40.20 2.59
CA GLU A 81 25.67 39.58 1.32
C GLU A 81 24.91 38.27 1.21
N PRO A 82 24.21 38.03 0.12
CA PRO A 82 23.44 36.78 -0.01
C PRO A 82 24.33 35.59 -0.29
N ASN A 83 23.90 34.43 0.22
CA ASN A 83 24.54 33.17 -0.10
C ASN A 83 23.70 32.47 -1.15
N PRO A 84 24.06 32.53 -2.43
CA PRO A 84 23.19 31.97 -3.48
C PRO A 84 23.03 30.46 -3.42
N ARG A 85 23.79 29.76 -2.59
CA ARG A 85 23.66 28.32 -2.51
C ARG A 85 22.51 27.88 -1.61
N LEU A 86 21.85 28.81 -0.93
CA LEU A 86 20.66 28.52 -0.14
C LEU A 86 19.46 29.24 -0.74
N ALA A 87 18.31 28.55 -0.77
CA ALA A 87 17.09 29.22 -1.21
C ALA A 87 16.72 30.38 -0.28
N THR A 88 17.08 30.28 1.00
CA THR A 88 16.90 31.37 1.95
C THR A 88 18.09 32.33 1.97
N GLY A 89 18.96 32.28 0.96
CA GLY A 89 20.26 32.89 1.03
C GLY A 89 20.28 34.40 1.17
N ARG A 90 19.19 35.08 0.81
CA ARG A 90 19.17 36.54 0.96
C ARG A 90 18.85 37.00 2.37
N VAL A 91 18.35 36.11 3.24
CA VAL A 91 17.82 36.52 4.55
C VAL A 91 18.49 35.75 5.67
N GLU A 92 18.29 36.26 6.88
CA GLU A 92 18.73 35.63 8.12
C GLU A 92 17.74 36.05 9.20
N VAL A 93 17.77 35.35 10.32
CA VAL A 93 16.88 35.62 11.45
C VAL A 93 17.72 36.13 12.61
N GLU A 94 17.49 37.36 13.02
CA GLU A 94 18.15 37.92 14.20
C GLU A 94 17.43 37.38 15.44
N LEU A 95 18.16 36.59 16.24
CA LEU A 95 17.53 35.84 17.31
C LEU A 95 17.16 36.75 18.47
N SER A 96 15.90 36.65 18.91
CA SER A 96 15.49 37.18 20.20
C SER A 96 15.36 36.10 21.26
N ALA A 97 15.12 34.85 20.83
CA ALA A 97 14.87 33.73 21.74
C ALA A 97 15.41 32.46 21.08
N LEU A 98 15.94 31.56 21.91
CA LEU A 98 16.44 30.28 21.43
C LEU A 98 16.28 29.25 22.54
N GLU A 99 15.53 28.20 22.27
CA GLU A 99 15.16 27.20 23.26
C GLU A 99 15.59 25.82 22.78
N VAL A 100 16.23 25.06 23.65
CA VAL A 100 16.66 23.70 23.32
C VAL A 100 15.51 22.75 23.65
N LEU A 101 15.06 22.00 22.64
CA LEU A 101 14.02 20.99 22.82
C LEU A 101 14.58 19.58 22.93
N ALA A 102 15.79 19.36 22.43
CA ALA A 102 16.46 18.06 22.50
C ALA A 102 17.97 18.20 22.23
N GLU A 103 18.79 17.61 23.08
CA GLU A 103 20.20 17.53 22.75
C GLU A 103 20.45 16.31 21.87
N ALA A 104 21.69 16.17 21.39
CA ALA A 104 21.97 15.12 20.43
C ALA A 104 23.41 14.63 20.58
N LYS A 105 23.60 13.32 20.48
CA LYS A 105 24.94 12.76 20.35
C LYS A 105 25.55 13.15 19.00
N THR A 106 26.87 13.21 18.96
CA THR A 106 27.57 13.42 17.71
C THR A 106 27.24 12.29 16.74
N PRO A 107 26.65 12.57 15.59
CA PRO A 107 26.21 11.47 14.72
C PRO A 107 27.41 10.71 14.17
N PRO A 108 27.22 9.45 13.79
CA PRO A 108 28.34 8.65 13.27
C PRO A 108 28.85 9.10 11.90
N PHE A 109 28.11 9.96 11.21
CA PHE A 109 28.55 10.53 9.95
C PHE A 109 27.87 11.89 9.80
N PRO A 110 28.36 12.73 8.90
CA PRO A 110 27.74 14.04 8.71
C PRO A 110 26.51 13.97 7.81
N VAL A 111 25.53 14.83 8.12
CA VAL A 111 24.31 14.90 7.33
C VAL A 111 24.04 16.35 6.92
N ASP A 112 25.02 17.21 7.14
CA ASP A 112 24.82 18.65 7.04
C ASP A 112 25.22 19.25 5.70
N ALA A 113 26.09 18.59 4.94
CA ALA A 113 26.71 19.25 3.78
C ALA A 113 25.73 19.46 2.65
N GLY A 114 24.93 18.44 2.33
CA GLY A 114 23.97 18.57 1.25
C GLY A 114 23.01 19.73 1.42
N TRP A 115 22.59 20.01 2.66
CA TRP A 115 21.70 21.13 2.90
C TRP A 115 22.35 22.48 2.61
N ARG A 116 23.68 22.56 2.62
CA ARG A 116 24.38 23.76 2.18
C ARG A 116 24.71 23.75 0.70
N GLY A 117 24.29 22.73 -0.03
CA GLY A 117 24.66 22.62 -1.43
C GLY A 117 26.10 22.23 -1.66
N GLU A 118 26.70 21.51 -0.71
CA GLU A 118 28.07 21.04 -0.84
C GLU A 118 28.08 19.55 -1.12
N GLU A 119 29.16 19.08 -1.75
CA GLU A 119 29.31 17.66 -2.01
C GLU A 119 29.41 16.90 -0.69
N GLU A 120 28.84 15.71 -0.65
CA GLU A 120 28.82 14.89 0.55
C GLU A 120 29.73 13.68 0.36
N LYS A 121 30.62 13.45 1.32
CA LYS A 121 31.56 12.34 1.23
C LYS A 121 30.84 11.02 1.43
N GLU A 122 31.21 10.04 0.61
CA GLU A 122 30.59 8.72 0.72
C GLU A 122 30.87 8.11 2.09
N ALA A 123 29.84 7.52 2.67
CA ALA A 123 29.95 6.81 3.94
C ALA A 123 29.62 5.35 3.74
N SER A 124 30.11 4.52 4.65
CA SER A 124 29.81 3.09 4.63
C SER A 124 28.30 2.88 4.58
N GLU A 125 27.83 2.21 3.52
CA GLU A 125 26.40 1.97 3.41
C GLU A 125 25.87 1.15 4.58
N GLU A 126 26.67 0.18 5.06
CA GLU A 126 26.29 -0.58 6.24
C GLU A 126 26.13 0.35 7.45
N LEU A 127 27.03 1.33 7.58
CA LEU A 127 26.88 2.34 8.62
C LEU A 127 25.62 3.18 8.38
N ARG A 128 25.37 3.54 7.13
CA ARG A 128 24.20 4.33 6.79
C ARG A 128 22.90 3.58 7.08
N LEU A 129 22.89 2.26 6.88
CA LEU A 129 21.69 1.47 7.14
C LEU A 129 21.49 1.22 8.63
N LYS A 130 22.58 0.97 9.36
CA LYS A 130 22.49 0.82 10.81
C LYS A 130 21.95 2.09 11.46
N TYR A 131 22.29 3.26 10.92
CA TYR A 131 21.75 4.50 11.43
C TYR A 131 20.89 5.18 10.37
N ARG A 132 19.92 4.43 9.83
CA ARG A 132 19.17 4.90 8.67
C ARG A 132 18.33 6.12 9.00
N TYR A 133 17.81 6.20 10.23
CA TYR A 133 17.05 7.38 10.63
C TYR A 133 17.92 8.63 10.61
N LEU A 134 19.23 8.47 10.73
CA LEU A 134 20.11 9.61 10.53
C LEU A 134 20.48 9.78 9.07
N ASP A 135 20.70 8.67 8.35
CA ASP A 135 20.97 8.78 6.92
C ASP A 135 19.85 9.49 6.19
N LEU A 136 18.62 9.30 6.63
CA LEU A 136 17.45 9.92 6.01
C LEU A 136 17.34 11.41 6.33
N ARG A 137 18.17 11.93 7.23
CA ARG A 137 18.23 13.38 7.44
C ARG A 137 18.86 14.10 6.26
N ARG A 138 19.70 13.41 5.48
CA ARG A 138 20.45 14.05 4.40
C ARG A 138 19.50 14.55 3.31
N ARG A 139 19.91 15.65 2.67
CA ARG A 139 19.06 16.28 1.67
C ARG A 139 18.73 15.31 0.53
N ARG A 140 19.74 14.57 0.05
CA ARG A 140 19.51 13.70 -1.11
C ARG A 140 18.49 12.60 -0.80
N MET A 141 18.53 12.05 0.42
CA MET A 141 17.60 10.99 0.79
C MET A 141 16.18 11.53 0.93
N GLN A 142 16.03 12.75 1.45
CA GLN A 142 14.69 13.31 1.57
C GLN A 142 14.11 13.65 0.21
N GLU A 143 14.96 14.10 -0.73
CA GLU A 143 14.49 14.39 -2.07
C GLU A 143 14.02 13.12 -2.77
N ASN A 144 14.74 12.01 -2.56
CA ASN A 144 14.33 10.73 -3.13
C ASN A 144 12.98 10.31 -2.57
N LEU A 145 12.80 10.39 -1.24
CA LEU A 145 11.54 9.93 -0.65
C LEU A 145 10.39 10.83 -1.06
N ARG A 146 10.65 12.12 -1.22
CA ARG A 146 9.58 13.03 -1.63
C ARG A 146 9.26 12.88 -3.12
N LEU A 147 10.25 12.53 -3.94
CA LEU A 147 9.94 12.21 -5.34
C LEU A 147 9.06 10.97 -5.44
N ARG A 148 9.39 9.93 -4.68
CA ARG A 148 8.59 8.73 -4.63
C ARG A 148 7.14 9.04 -4.25
N HIS A 149 6.94 9.92 -3.27
CA HIS A 149 5.60 10.40 -2.96
C HIS A 149 4.95 11.04 -4.19
N ARG A 150 5.67 11.95 -4.85
CA ARG A 150 5.07 12.67 -5.97
C ARG A 150 4.75 11.73 -7.13
N VAL A 151 5.55 10.68 -7.31
CA VAL A 151 5.31 9.72 -8.39
C VAL A 151 4.02 8.95 -8.12
N ILE A 152 3.86 8.45 -6.88
CA ILE A 152 2.70 7.65 -6.55
C ILE A 152 1.43 8.49 -6.59
N LYS A 153 1.49 9.72 -6.06
CA LYS A 153 0.34 10.62 -6.17
C LYS A 153 -0.01 10.91 -7.63
N ALA A 154 0.99 11.03 -8.50
CA ALA A 154 0.70 11.28 -9.92
C ALA A 154 0.06 10.06 -10.57
N ILE A 155 0.55 8.87 -10.23
CA ILE A 155 -0.10 7.63 -10.68
C ILE A 155 -1.55 7.59 -10.23
N TRP A 156 -1.81 7.94 -8.95
CA TRP A 156 -3.19 7.97 -8.47
C TRP A 156 -4.03 8.97 -9.26
N ASP A 157 -3.52 10.20 -9.45
CA ASP A 157 -4.29 11.22 -10.15
C ASP A 157 -4.66 10.75 -11.55
N PHE A 158 -3.69 10.18 -12.29
CA PHE A 158 -3.93 9.81 -13.67
C PHE A 158 -4.89 8.62 -13.76
N LEU A 159 -4.59 7.53 -13.05
CA LEU A 159 -5.39 6.32 -13.20
C LEU A 159 -6.80 6.51 -12.67
N ASP A 160 -6.96 7.36 -11.66
CA ASP A 160 -8.31 7.71 -11.20
C ASP A 160 -9.07 8.45 -12.30
N ARG A 161 -8.40 9.34 -13.03
CA ARG A 161 -9.08 10.06 -14.09
C ARG A 161 -9.44 9.15 -15.25
N GLU A 162 -8.66 8.08 -15.45
CA GLU A 162 -8.91 7.12 -16.52
C GLU A 162 -9.85 6.00 -16.10
N GLY A 163 -10.44 6.09 -14.92
CA GLY A 163 -11.43 5.13 -14.48
C GLY A 163 -10.90 3.89 -13.82
N PHE A 164 -9.62 3.85 -13.43
CA PHE A 164 -9.09 2.70 -12.72
C PHE A 164 -9.54 2.73 -11.26
N VAL A 165 -9.76 1.54 -10.70
CA VAL A 165 -10.11 1.35 -9.30
C VAL A 165 -8.91 0.75 -8.60
N GLN A 166 -8.43 1.42 -7.56
CA GLN A 166 -7.41 0.80 -6.73
C GLN A 166 -8.06 -0.26 -5.86
N VAL A 167 -7.48 -1.46 -5.88
CA VAL A 167 -7.95 -2.57 -5.06
C VAL A 167 -6.77 -3.17 -4.34
N GLU A 168 -6.89 -3.34 -3.03
CA GLU A 168 -5.84 -3.95 -2.23
C GLU A 168 -6.07 -5.45 -2.18
N THR A 169 -5.02 -6.22 -2.42
CA THR A 169 -5.10 -7.66 -2.52
C THR A 169 -4.39 -8.32 -1.33
N PRO A 170 -4.60 -9.62 -1.12
CA PRO A 170 -4.09 -10.24 0.11
C PRO A 170 -2.58 -10.23 0.20
N PHE A 171 -2.09 -10.23 1.45
CA PHE A 171 -0.70 -10.49 1.76
C PHE A 171 -0.48 -11.89 2.30
N LEU A 172 -1.51 -12.48 2.90
CA LEU A 172 -1.48 -13.85 3.43
C LEU A 172 -2.28 -14.70 2.47
N THR A 173 -1.61 -15.47 1.63
CA THR A 173 -2.27 -16.15 0.53
C THR A 173 -1.70 -17.55 0.41
N LYS A 174 -1.98 -18.19 -0.73
CA LYS A 174 -1.71 -19.61 -0.93
C LYS A 174 -0.27 -19.82 -1.39
N SER A 175 0.46 -20.66 -0.66
CA SER A 175 1.78 -21.08 -1.10
C SER A 175 1.64 -22.12 -2.22
N THR A 176 2.42 -21.95 -3.27
CA THR A 176 2.45 -22.92 -4.35
C THR A 176 3.88 -23.35 -4.59
N PRO A 177 4.12 -24.63 -4.90
CA PRO A 177 5.48 -25.08 -5.23
C PRO A 177 5.88 -24.71 -6.65
N GLU A 178 5.20 -23.72 -7.22
CA GLU A 178 5.41 -23.29 -8.60
C GLU A 178 6.50 -22.23 -8.63
N GLY A 179 7.71 -22.64 -8.99
CA GLY A 179 8.74 -21.66 -9.33
C GLY A 179 9.35 -21.02 -8.10
N ALA A 180 9.42 -19.68 -8.13
CA ALA A 180 10.21 -18.93 -7.15
C ALA A 180 9.74 -19.22 -5.73
N ARG A 181 10.69 -19.25 -4.81
CA ARG A 181 10.41 -19.66 -3.45
C ARG A 181 9.54 -18.62 -2.74
N ASP A 182 8.59 -19.11 -1.95
CA ASP A 182 7.72 -18.25 -1.17
C ASP A 182 8.31 -18.00 0.22
N PHE A 183 8.12 -16.79 0.74
CA PHE A 183 8.20 -16.60 2.17
C PHE A 183 6.95 -17.19 2.83
N LEU A 184 7.14 -17.96 3.89
CA LEU A 184 6.04 -18.62 4.58
C LEU A 184 5.70 -17.91 5.89
N VAL A 185 4.47 -18.09 6.34
CA VAL A 185 3.99 -17.53 7.60
C VAL A 185 3.22 -18.63 8.31
N PRO A 186 3.67 -19.11 9.47
CA PRO A 186 2.99 -20.25 10.11
C PRO A 186 1.61 -19.88 10.61
N TYR A 187 0.68 -20.83 10.42
CA TYR A 187 -0.68 -20.70 10.93
C TYR A 187 -0.73 -21.30 12.33
N ARG A 188 -0.85 -20.43 13.34
CA ARG A 188 -0.68 -20.85 14.73
C ARG A 188 -1.67 -21.94 15.13
N HIS A 189 -2.94 -21.80 14.72
CA HIS A 189 -3.98 -22.67 15.27
C HIS A 189 -3.89 -24.10 14.74
N GLU A 190 -3.16 -24.34 13.65
CA GLU A 190 -2.98 -25.68 13.11
C GLU A 190 -1.55 -25.83 12.59
N PRO A 191 -0.63 -26.28 13.43
CA PRO A 191 0.78 -26.39 13.01
C PRO A 191 0.92 -27.32 11.83
N GLY A 192 1.74 -26.91 10.86
CA GLY A 192 1.87 -27.59 9.60
C GLY A 192 1.24 -26.86 8.44
N LEU A 193 0.39 -25.88 8.72
CA LEU A 193 -0.25 -25.05 7.70
C LEU A 193 0.44 -23.70 7.67
N PHE A 194 0.59 -23.15 6.47
CA PHE A 194 1.31 -21.90 6.28
C PHE A 194 0.58 -21.02 5.27
N TYR A 195 0.54 -19.73 5.57
CA TYR A 195 0.31 -18.76 4.51
C TYR A 195 1.62 -18.53 3.76
N ALA A 196 1.50 -17.86 2.61
CA ALA A 196 2.63 -17.36 1.87
C ALA A 196 2.44 -15.87 1.63
N LEU A 197 3.54 -15.13 1.62
CA LEU A 197 3.49 -13.78 1.09
C LEU A 197 3.40 -13.84 -0.43
N PRO A 198 2.75 -12.87 -1.07
CA PRO A 198 2.49 -12.98 -2.51
C PRO A 198 3.72 -12.63 -3.35
N GLN A 199 3.94 -13.43 -4.39
CA GLN A 199 4.99 -13.12 -5.35
C GLN A 199 4.63 -11.91 -6.20
N SER A 200 3.34 -11.71 -6.44
CA SER A 200 2.75 -10.62 -7.21
C SER A 200 1.24 -10.76 -7.04
N PRO A 201 0.45 -9.75 -7.39
CA PRO A 201 -1.01 -9.88 -7.33
C PRO A 201 -1.64 -10.52 -8.56
N GLN A 202 -0.84 -11.16 -9.43
CA GLN A 202 -1.28 -11.61 -10.75
C GLN A 202 -2.65 -12.29 -10.75
N LEU A 203 -2.81 -13.34 -9.95
CA LEU A 203 -4.07 -14.07 -10.02
C LEU A 203 -5.23 -13.26 -9.48
N PHE A 204 -4.99 -12.47 -8.42
CA PHE A 204 -6.04 -11.64 -7.86
C PHE A 204 -6.46 -10.55 -8.84
N LYS A 205 -5.51 -9.92 -9.52
CA LYS A 205 -5.91 -8.88 -10.46
C LYS A 205 -6.64 -9.45 -11.66
N GLN A 206 -6.27 -10.66 -12.10
CA GLN A 206 -7.05 -11.31 -13.15
C GLN A 206 -8.45 -11.65 -12.65
N MET A 207 -8.56 -12.13 -11.41
CA MET A 207 -9.87 -12.41 -10.86
C MET A 207 -10.70 -11.15 -10.73
N LEU A 208 -10.07 -9.99 -10.52
CA LEU A 208 -10.82 -8.75 -10.49
C LEU A 208 -11.37 -8.40 -11.86
N MET A 209 -10.69 -8.83 -12.94
CA MET A 209 -11.27 -8.70 -14.27
C MET A 209 -12.45 -9.65 -14.44
N VAL A 210 -12.33 -10.89 -13.94
CA VAL A 210 -13.44 -11.83 -13.97
C VAL A 210 -14.63 -11.27 -13.20
N ALA A 211 -14.38 -10.42 -12.19
CA ALA A 211 -15.43 -9.81 -11.39
C ALA A 211 -16.08 -8.62 -12.07
N GLY A 212 -15.58 -8.16 -13.20
CA GLY A 212 -16.22 -7.06 -13.89
C GLY A 212 -15.82 -5.66 -13.46
N LEU A 213 -14.71 -5.52 -12.73
CA LEU A 213 -14.29 -4.17 -12.32
C LEU A 213 -13.62 -3.40 -13.44
N ASP A 214 -13.35 -4.06 -14.58
CA ASP A 214 -12.93 -3.43 -15.82
C ASP A 214 -11.48 -2.96 -15.81
N ARG A 215 -11.07 -2.17 -14.82
CA ARG A 215 -9.69 -1.72 -14.75
C ARG A 215 -9.29 -1.49 -13.31
N TYR A 216 -8.12 -2.01 -12.96
CA TYR A 216 -7.64 -2.06 -11.59
C TYR A 216 -6.20 -1.57 -11.53
N PHE A 217 -5.81 -1.04 -10.37
CA PHE A 217 -4.39 -0.79 -10.11
C PHE A 217 -4.14 -0.90 -8.62
N GLN A 218 -2.87 -1.10 -8.28
CA GLN A 218 -2.43 -1.23 -6.90
C GLN A 218 -0.94 -0.93 -6.88
N ILE A 219 -0.51 -0.16 -5.88
CA ILE A 219 0.91 -0.05 -5.54
C ILE A 219 1.20 -1.26 -4.65
N ALA A 220 1.74 -2.31 -5.24
CA ALA A 220 1.76 -3.62 -4.60
C ALA A 220 3.17 -4.00 -4.13
N ARG A 221 3.23 -4.64 -2.98
CA ARG A 221 4.48 -5.20 -2.47
C ARG A 221 4.56 -6.66 -2.87
N CYS A 222 5.69 -7.05 -3.44
CA CYS A 222 5.93 -8.39 -3.93
C CYS A 222 7.07 -9.00 -3.13
N PHE A 223 6.93 -10.27 -2.78
CA PHE A 223 7.87 -10.95 -1.91
C PHE A 223 8.37 -12.19 -2.65
N ARG A 224 9.69 -12.24 -2.86
CA ARG A 224 10.31 -13.35 -3.61
C ARG A 224 11.60 -13.72 -2.89
N ASP A 225 11.63 -14.92 -2.32
CA ASP A 225 12.77 -15.37 -1.51
C ASP A 225 13.76 -16.12 -2.40
N GLU A 226 14.46 -15.36 -3.23
CA GLU A 226 15.46 -15.96 -4.10
C GLU A 226 16.81 -15.28 -3.93
N ASP A 227 17.73 -15.53 -4.86
CA ASP A 227 19.04 -14.89 -4.87
C ASP A 227 18.91 -13.38 -4.77
N LEU A 228 19.63 -12.79 -3.81
CA LEU A 228 19.60 -11.35 -3.59
C LEU A 228 20.73 -10.61 -4.27
N ARG A 229 21.54 -11.30 -5.09
CA ARG A 229 22.53 -10.61 -5.89
C ARG A 229 21.83 -9.79 -6.98
N ALA A 230 22.60 -8.90 -7.62
CA ALA A 230 22.10 -7.98 -8.64
C ALA A 230 21.04 -7.04 -8.07
N ASP A 231 21.33 -6.46 -6.92
CA ASP A 231 20.58 -5.36 -6.31
C ASP A 231 19.17 -5.75 -5.90
N ARG A 232 18.86 -7.05 -5.82
CA ARG A 232 17.52 -7.47 -5.43
C ARG A 232 17.31 -7.28 -3.92
N GLN A 233 16.09 -6.92 -3.54
CA GLN A 233 15.60 -6.85 -2.18
C GLN A 233 14.60 -7.97 -1.92
N PRO A 234 14.48 -8.48 -0.70
CA PRO A 234 13.54 -9.58 -0.45
C PRO A 234 12.09 -9.21 -0.75
N ASP A 235 11.73 -7.93 -0.64
CA ASP A 235 10.45 -7.45 -1.15
C ASP A 235 10.69 -6.14 -1.87
N PHE A 236 9.84 -5.88 -2.86
CA PHE A 236 9.94 -4.68 -3.68
C PHE A 236 8.54 -4.26 -4.08
N THR A 237 8.45 -3.07 -4.66
CA THR A 237 7.17 -2.42 -4.94
C THR A 237 6.92 -2.41 -6.45
N GLN A 238 5.72 -2.82 -6.83
CA GLN A 238 5.25 -2.69 -8.21
C GLN A 238 4.11 -1.69 -8.28
N LEU A 239 4.06 -0.93 -9.37
CA LEU A 239 2.79 -0.42 -9.84
C LEU A 239 2.15 -1.53 -10.67
N ASP A 240 1.09 -2.11 -10.15
CA ASP A 240 0.42 -3.24 -10.78
C ASP A 240 -0.89 -2.75 -11.37
N LEU A 241 -1.18 -3.12 -12.61
CA LEU A 241 -2.48 -2.74 -13.17
C LEU A 241 -2.97 -3.79 -14.17
N GLU A 242 -4.27 -3.81 -14.38
CA GLU A 242 -4.94 -4.77 -15.25
C GLU A 242 -6.17 -4.10 -15.86
N MET A 243 -6.43 -4.40 -17.13
CA MET A 243 -7.54 -3.80 -17.87
C MET A 243 -8.30 -4.87 -18.64
N SER A 244 -9.57 -4.61 -18.90
CA SER A 244 -10.44 -5.51 -19.64
C SER A 244 -10.69 -5.01 -21.06
N PHE A 245 -10.93 -5.95 -21.98
CA PHE A 245 -11.31 -5.64 -23.36
C PHE A 245 -10.25 -4.80 -24.07
N VAL A 246 -8.98 -5.22 -23.93
CA VAL A 246 -7.86 -4.46 -24.46
C VAL A 246 -7.03 -5.33 -25.38
N GLU A 247 -6.39 -4.70 -26.35
CA GLU A 247 -5.32 -5.30 -27.13
C GLU A 247 -3.99 -4.81 -26.59
N VAL A 248 -2.89 -5.40 -27.08
CA VAL A 248 -1.56 -4.95 -26.68
C VAL A 248 -1.48 -3.44 -26.82
N GLU A 249 -1.93 -2.91 -27.97
CA GLU A 249 -1.85 -1.49 -28.24
C GLU A 249 -2.56 -0.66 -27.17
N ASP A 250 -3.68 -1.16 -26.65
CA ASP A 250 -4.40 -0.41 -25.61
C ASP A 250 -3.57 -0.30 -24.34
N VAL A 251 -2.89 -1.39 -23.95
CA VAL A 251 -2.10 -1.35 -22.73
C VAL A 251 -0.90 -0.45 -22.91
N LEU A 252 -0.23 -0.53 -24.06
CA LEU A 252 0.97 0.28 -24.28
C LEU A 252 0.61 1.77 -24.29
N GLU A 253 -0.45 2.13 -25.00
CA GLU A 253 -0.84 3.53 -25.10
C GLU A 253 -1.18 4.11 -23.73
N LEU A 254 -1.92 3.36 -22.90
CA LEU A 254 -2.26 3.83 -21.56
C LEU A 254 -0.99 4.03 -20.73
N ASN A 255 -0.09 3.06 -20.76
CA ASN A 255 1.10 3.16 -19.94
C ASN A 255 2.04 4.26 -20.40
N GLU A 256 2.07 4.54 -21.71
CA GLU A 256 2.87 5.66 -22.22
C GLU A 256 2.39 6.99 -21.66
N ARG A 257 1.09 7.25 -21.79
CA ARG A 257 0.54 8.50 -21.29
C ARG A 257 0.70 8.61 -19.78
N LEU A 258 0.50 7.50 -19.05
CA LEU A 258 0.71 7.52 -17.60
C LEU A 258 2.16 7.86 -17.27
N MET A 259 3.11 7.22 -17.96
CA MET A 259 4.52 7.49 -17.69
C MET A 259 4.86 8.94 -18.00
N ALA A 260 4.35 9.46 -19.14
CA ALA A 260 4.62 10.85 -19.48
C ALA A 260 4.02 11.79 -18.46
N HIS A 261 2.83 11.45 -17.95
CA HIS A 261 2.23 12.24 -16.88
C HIS A 261 3.09 12.22 -15.63
N VAL A 262 3.60 11.05 -15.27
CA VAL A 262 4.41 10.91 -14.05
C VAL A 262 5.67 11.74 -14.17
N PHE A 263 6.35 11.67 -15.32
CA PHE A 263 7.60 12.41 -15.48
C PHE A 263 7.34 13.91 -15.51
N ARG A 264 6.27 14.34 -16.18
CA ARG A 264 5.94 15.76 -16.22
C ARG A 264 5.67 16.30 -14.82
N GLU A 265 4.83 15.59 -14.05
CA GLU A 265 4.39 16.09 -12.76
C GLU A 265 5.44 15.93 -11.68
N ALA A 266 6.16 14.81 -11.68
CA ALA A 266 7.06 14.53 -10.57
C ALA A 266 8.49 14.99 -10.81
N LEU A 267 8.91 15.09 -12.06
CA LEU A 267 10.27 15.48 -12.41
C LEU A 267 10.35 16.78 -13.20
N GLY A 268 9.24 17.26 -13.75
CA GLY A 268 9.28 18.37 -14.69
C GLY A 268 9.90 18.03 -16.03
N VAL A 269 9.89 16.76 -16.42
CA VAL A 269 10.52 16.29 -17.65
C VAL A 269 9.45 15.93 -18.66
N GLU A 270 9.65 16.32 -19.91
CA GLU A 270 8.73 16.04 -20.99
C GLU A 270 9.21 14.80 -21.76
N LEU A 271 8.35 13.78 -21.85
CA LEU A 271 8.66 12.57 -22.61
C LEU A 271 7.87 12.60 -23.92
N PRO A 272 8.52 12.66 -25.08
CA PRO A 272 7.78 12.62 -26.34
C PRO A 272 7.09 11.28 -26.51
N LEU A 273 5.85 11.32 -26.98
CA LEU A 273 5.05 10.14 -27.26
C LEU A 273 4.86 9.99 -28.76
N PRO A 274 4.67 8.75 -29.26
CA PRO A 274 4.69 7.49 -28.50
C PRO A 274 6.12 7.04 -28.26
N PHE A 275 6.32 6.09 -27.34
CA PHE A 275 7.64 5.51 -27.18
C PHE A 275 7.98 4.68 -28.41
N PRO A 276 9.26 4.54 -28.74
CA PRO A 276 9.62 3.59 -29.81
C PRO A 276 9.30 2.17 -29.39
N ARG A 277 8.97 1.35 -30.37
CA ARG A 277 8.64 -0.05 -30.16
C ARG A 277 9.59 -0.91 -31.00
N LEU A 278 10.02 -2.03 -30.44
CA LEU A 278 10.87 -2.97 -31.14
C LEU A 278 10.44 -4.37 -30.76
N SER A 279 10.31 -5.24 -31.76
CA SER A 279 10.10 -6.63 -31.44
C SER A 279 11.34 -7.18 -30.74
N TYR A 280 11.14 -8.27 -30.00
CA TYR A 280 12.27 -8.95 -29.36
C TYR A 280 13.35 -9.26 -30.39
N GLU A 281 12.95 -9.75 -31.56
CA GLU A 281 13.91 -10.08 -32.61
C GLU A 281 14.66 -8.83 -33.08
N GLU A 282 13.95 -7.72 -33.31
CA GLU A 282 14.61 -6.49 -33.72
C GLU A 282 15.61 -6.03 -32.66
N ALA A 283 15.19 -6.06 -31.40
CA ALA A 283 16.08 -5.62 -30.31
C ALA A 283 17.35 -6.46 -30.27
N MET A 284 17.19 -7.80 -30.34
CA MET A 284 18.35 -8.68 -30.32
C MET A 284 19.27 -8.41 -31.51
N GLU A 285 18.68 -8.21 -32.70
CA GLU A 285 19.48 -8.05 -33.91
C GLU A 285 20.20 -6.70 -33.94
N ARG A 286 19.53 -5.63 -33.52
CA ARG A 286 20.13 -4.31 -33.64
C ARG A 286 20.91 -3.88 -32.40
N TYR A 287 20.65 -4.48 -31.23
CA TYR A 287 21.36 -4.09 -30.02
C TYR A 287 21.95 -5.26 -29.23
N GLY A 288 21.60 -6.49 -29.56
CA GLY A 288 22.11 -7.62 -28.79
C GLY A 288 21.56 -7.74 -27.39
N SER A 289 20.39 -7.16 -27.13
CA SER A 289 19.78 -7.24 -25.81
C SER A 289 18.29 -7.04 -25.95
N ASP A 290 17.52 -7.69 -25.08
CA ASP A 290 16.09 -7.42 -24.99
C ASP A 290 15.76 -6.21 -24.10
N LYS A 291 16.78 -5.51 -23.58
CA LYS A 291 16.59 -4.23 -22.91
C LYS A 291 17.59 -3.22 -23.46
N PRO A 292 17.37 -2.74 -24.68
CA PRO A 292 18.35 -1.86 -25.34
C PRO A 292 18.49 -0.53 -24.63
N ASP A 293 19.73 -0.05 -24.55
CA ASP A 293 20.05 1.29 -24.11
C ASP A 293 20.02 2.21 -25.34
N LEU A 294 18.98 3.03 -25.44
CA LEU A 294 18.82 3.89 -26.61
C LEU A 294 19.47 5.25 -26.45
N ARG A 295 20.30 5.45 -25.43
CA ARG A 295 20.91 6.77 -25.24
C ARG A 295 22.08 7.02 -26.18
N PHE A 296 22.52 6.01 -26.91
CA PHE A 296 23.53 6.17 -27.95
C PHE A 296 23.19 5.22 -29.09
N GLY A 297 23.84 5.40 -30.23
CA GLY A 297 23.58 4.57 -31.40
C GLY A 297 24.42 3.32 -31.45
N LEU A 298 25.31 3.23 -32.44
CA LEU A 298 26.25 2.11 -32.57
C LEU A 298 25.52 0.77 -32.67
N GLU A 299 24.54 0.71 -33.55
CA GLU A 299 23.76 -0.52 -33.71
C GLU A 299 24.62 -1.64 -34.29
N LEU A 300 24.23 -2.88 -33.99
CA LEU A 300 24.87 -4.03 -34.59
C LEU A 300 24.35 -4.24 -36.00
N LYS A 301 25.22 -4.76 -36.87
CA LYS A 301 24.87 -4.99 -38.27
C LYS A 301 25.21 -6.42 -38.62
N GLU A 302 24.27 -7.14 -39.22
CA GLU A 302 24.53 -8.50 -39.68
C GLU A 302 25.29 -8.44 -41.00
N VAL A 303 26.50 -9.02 -41.03
CA VAL A 303 27.33 -9.03 -42.21
C VAL A 303 27.73 -10.45 -42.61
N GLY A 304 27.12 -11.47 -42.00
CA GLY A 304 27.35 -12.84 -42.36
C GLY A 304 27.32 -13.12 -43.85
N PRO A 305 26.24 -12.70 -44.54
CA PRO A 305 26.14 -12.98 -45.98
C PRO A 305 27.11 -12.22 -46.87
N LEU A 306 28.06 -11.48 -46.28
CA LEU A 306 29.12 -10.87 -47.07
C LEU A 306 30.33 -11.77 -47.23
N PHE A 307 30.50 -12.76 -46.37
CA PHE A 307 31.71 -13.56 -46.33
C PHE A 307 31.48 -14.99 -46.77
N ARG A 308 30.29 -15.29 -47.32
CA ARG A 308 30.02 -16.65 -47.75
C ARG A 308 30.98 -17.13 -48.82
N GLN A 309 31.67 -16.23 -49.52
CA GLN A 309 32.70 -16.60 -50.47
C GLN A 309 34.10 -16.27 -49.99
N SER A 310 34.25 -15.61 -48.84
CA SER A 310 35.56 -15.22 -48.36
C SER A 310 36.34 -16.42 -47.86
N GLY A 311 37.66 -16.42 -48.13
CA GLY A 311 38.51 -17.49 -47.66
C GLY A 311 38.60 -17.60 -46.15
N PHE A 312 38.20 -16.54 -45.43
CA PHE A 312 38.28 -16.50 -43.98
C PHE A 312 37.28 -17.51 -43.42
N ARG A 313 37.78 -18.71 -43.07
CA ARG A 313 36.92 -19.80 -42.67
C ARG A 313 35.94 -19.39 -41.56
N VAL A 314 36.45 -18.75 -40.50
CA VAL A 314 35.63 -18.53 -39.31
C VAL A 314 34.45 -17.61 -39.60
N PHE A 315 34.63 -16.63 -40.51
CA PHE A 315 33.49 -15.83 -40.95
C PHE A 315 32.60 -16.62 -41.90
N GLN A 316 33.21 -17.32 -42.85
CA GLN A 316 32.45 -17.94 -43.93
C GLN A 316 31.46 -18.97 -43.40
N GLU A 317 31.89 -19.80 -42.45
CA GLU A 317 31.05 -20.88 -41.97
C GLU A 317 30.19 -20.50 -40.77
N ALA A 318 30.37 -19.31 -40.20
CA ALA A 318 29.56 -18.92 -39.05
C ALA A 318 28.09 -18.77 -39.46
N GLU A 319 27.21 -19.09 -38.52
CA GLU A 319 25.78 -18.86 -38.74
C GLU A 319 25.48 -17.36 -38.80
N SER A 320 26.16 -16.57 -37.98
CA SER A 320 25.97 -15.12 -37.97
C SER A 320 27.34 -14.46 -37.82
N VAL A 321 27.47 -13.27 -38.41
CA VAL A 321 28.60 -12.38 -38.15
C VAL A 321 28.00 -11.00 -37.90
N LYS A 322 28.11 -10.52 -36.67
CA LYS A 322 27.69 -9.18 -36.33
C LYS A 322 28.87 -8.23 -36.38
N ALA A 323 28.64 -7.02 -36.87
CA ALA A 323 29.68 -6.01 -36.97
C ALA A 323 29.25 -4.75 -36.23
N LEU A 324 30.24 -4.05 -35.69
CA LEU A 324 30.03 -2.78 -35.00
C LEU A 324 31.14 -1.83 -35.40
N ALA A 325 30.76 -0.58 -35.69
CA ALA A 325 31.68 0.46 -36.11
C ALA A 325 31.82 1.48 -34.99
N LEU A 326 33.01 1.51 -34.36
CA LEU A 326 33.23 2.51 -33.30
C LEU A 326 33.87 3.76 -33.89
N PRO A 327 33.37 4.96 -33.58
CA PRO A 327 33.97 6.20 -34.08
C PRO A 327 35.22 6.62 -33.29
N LYS A 328 36.24 5.76 -33.33
CA LYS A 328 37.53 6.01 -32.68
C LYS A 328 38.53 4.90 -33.00
N ALA A 329 39.80 5.26 -33.16
CA ALA A 329 40.86 4.28 -33.37
C ALA A 329 41.27 3.73 -32.00
N LEU A 330 40.84 2.52 -31.69
CA LEU A 330 41.08 1.95 -30.37
C LEU A 330 42.53 1.57 -30.18
N SER A 331 42.96 1.53 -28.93
CA SER A 331 44.25 0.94 -28.61
C SER A 331 44.15 -0.57 -28.62
N ARG A 332 45.31 -1.22 -28.77
CA ARG A 332 45.33 -2.68 -28.63
C ARG A 332 44.82 -3.10 -27.27
N LYS A 333 45.03 -2.28 -26.24
CA LYS A 333 44.53 -2.57 -24.91
C LYS A 333 43.00 -2.58 -24.90
N GLU A 334 42.39 -1.56 -25.51
CA GLU A 334 40.94 -1.44 -25.52
C GLU A 334 40.30 -2.58 -26.31
N VAL A 335 40.89 -2.95 -27.45
CA VAL A 335 40.35 -4.06 -28.23
C VAL A 335 40.34 -5.34 -27.41
N ALA A 336 41.48 -5.66 -26.80
CA ALA A 336 41.56 -6.84 -25.96
C ALA A 336 40.59 -6.75 -24.78
N GLU A 337 40.34 -5.54 -24.28
CA GLU A 337 39.31 -5.37 -23.26
C GLU A 337 37.93 -5.72 -23.83
N LEU A 338 37.63 -5.25 -25.03
CA LEU A 338 36.36 -5.60 -25.66
C LEU A 338 36.31 -7.08 -26.01
N GLU A 339 37.44 -7.64 -26.46
CA GLU A 339 37.47 -9.08 -26.75
C GLU A 339 37.14 -9.89 -25.51
N GLU A 340 37.68 -9.48 -24.37
CA GLU A 340 37.41 -10.21 -23.14
C GLU A 340 35.94 -10.10 -22.74
N VAL A 341 35.34 -8.92 -22.97
CA VAL A 341 33.91 -8.78 -22.74
C VAL A 341 33.12 -9.72 -23.65
N ALA A 342 33.55 -9.84 -24.91
CA ALA A 342 32.86 -10.73 -25.83
C ALA A 342 33.01 -12.18 -25.40
N LYS A 343 34.24 -12.61 -25.11
CA LYS A 343 34.48 -13.99 -24.68
C LYS A 343 33.77 -14.31 -23.37
N ARG A 344 33.62 -13.32 -22.49
CA ARG A 344 32.84 -13.53 -21.28
C ARG A 344 31.36 -13.76 -21.58
N HIS A 345 30.91 -13.41 -22.78
CA HIS A 345 29.53 -13.62 -23.18
C HIS A 345 29.39 -14.74 -24.20
N LYS A 346 30.23 -15.77 -24.08
CA LYS A 346 30.18 -17.05 -24.79
C LYS A 346 30.71 -16.96 -26.22
N ALA A 347 31.25 -15.81 -26.63
CA ALA A 347 31.79 -15.71 -27.98
C ALA A 347 33.13 -16.42 -28.07
N GLN A 348 33.42 -16.96 -29.26
CA GLN A 348 34.72 -17.56 -29.52
C GLN A 348 35.83 -16.53 -29.62
N GLY A 349 35.48 -15.26 -29.74
CA GLY A 349 36.49 -14.22 -29.89
C GLY A 349 35.88 -12.99 -30.52
N LEU A 350 36.75 -12.01 -30.74
CA LEU A 350 36.34 -10.73 -31.30
C LEU A 350 37.38 -10.36 -32.36
N ALA A 351 36.98 -10.42 -33.63
CA ALA A 351 37.86 -9.92 -34.67
C ALA A 351 37.72 -8.40 -34.76
N TRP A 352 38.73 -7.77 -35.34
CA TRP A 352 38.76 -6.31 -35.38
C TRP A 352 39.57 -5.87 -36.59
N ALA A 353 39.35 -4.62 -36.99
CA ALA A 353 40.15 -3.97 -38.01
C ALA A 353 39.91 -2.47 -37.96
N ARG A 354 40.96 -1.70 -38.22
CA ARG A 354 40.84 -0.26 -38.41
C ARG A 354 40.48 0.03 -39.85
N VAL A 355 39.71 1.10 -40.07
CA VAL A 355 39.34 1.53 -41.43
C VAL A 355 40.10 2.81 -41.76
N GLU A 356 40.93 2.74 -42.79
CA GLU A 356 41.71 3.85 -43.30
C GLU A 356 40.96 4.51 -44.46
N GLU A 357 41.62 5.46 -45.13
CA GLU A 357 40.94 6.22 -46.18
C GLU A 357 40.74 5.40 -47.44
N GLY A 358 41.67 4.50 -47.76
CA GLY A 358 41.56 3.69 -48.97
C GLY A 358 41.19 2.24 -48.71
N GLY A 359 41.39 1.78 -47.47
CA GLY A 359 41.11 0.40 -47.13
C GLY A 359 41.10 0.12 -45.64
N PHE A 360 41.60 -1.04 -45.25
CA PHE A 360 41.63 -1.47 -43.86
C PHE A 360 43.05 -1.82 -43.43
N SER A 361 43.28 -1.84 -42.11
CA SER A 361 44.57 -2.21 -41.57
C SER A 361 44.38 -2.83 -40.19
N GLY A 362 45.08 -3.92 -39.94
CA GLY A 362 45.08 -4.56 -38.64
C GLY A 362 44.06 -5.68 -38.54
N GLY A 363 44.34 -6.64 -37.64
CA GLY A 363 43.44 -7.73 -37.33
C GLY A 363 43.02 -8.61 -38.50
N VAL A 364 41.79 -8.43 -38.97
CA VAL A 364 41.25 -9.23 -40.07
C VAL A 364 41.11 -8.37 -41.32
N ALA A 365 41.96 -7.35 -41.45
CA ALA A 365 41.83 -6.41 -42.55
C ALA A 365 42.00 -7.08 -43.91
N LYS A 366 42.90 -8.07 -43.99
CA LYS A 366 43.14 -8.73 -45.27
C LYS A 366 41.86 -9.34 -45.82
N PHE A 367 41.14 -10.07 -44.98
CA PHE A 367 39.92 -10.73 -45.42
C PHE A 367 38.75 -9.78 -45.61
N LEU A 368 38.91 -8.48 -45.31
CA LEU A 368 37.84 -7.51 -45.47
C LEU A 368 37.93 -6.74 -46.79
N GLU A 369 39.09 -6.70 -47.43
CA GLU A 369 39.24 -5.92 -48.65
C GLU A 369 38.33 -6.38 -49.79
N PRO A 370 38.19 -7.69 -50.10
CA PRO A 370 37.31 -8.06 -51.23
C PRO A 370 35.89 -7.56 -51.09
N VAL A 371 35.40 -7.36 -49.86
CA VAL A 371 34.01 -6.96 -49.64
C VAL A 371 33.95 -5.53 -49.13
N ARG A 372 34.97 -4.73 -49.47
CA ARG A 372 35.09 -3.39 -48.91
C ARG A 372 33.86 -2.53 -49.17
N GLU A 373 33.46 -2.41 -50.44
CA GLU A 373 32.34 -1.54 -50.77
C GLU A 373 31.07 -1.95 -50.04
N ALA A 374 30.74 -3.23 -50.06
CA ALA A 374 29.54 -3.70 -49.37
C ALA A 374 29.66 -3.52 -47.86
N LEU A 375 30.81 -3.88 -47.30
CA LEU A 375 31.01 -3.78 -45.86
C LEU A 375 30.82 -2.36 -45.37
N LEU A 376 31.34 -1.38 -46.11
CA LEU A 376 31.22 0.01 -45.68
C LEU A 376 29.79 0.51 -45.80
N GLN A 377 29.08 0.07 -46.84
CA GLN A 377 27.69 0.51 -47.00
C GLN A 377 26.79 -0.09 -45.92
N ALA A 378 27.10 -1.31 -45.47
CA ALA A 378 26.29 -1.94 -44.45
C ALA A 378 26.55 -1.34 -43.07
N THR A 379 27.81 -1.03 -42.78
CA THR A 379 28.21 -0.49 -41.49
C THR A 379 28.23 1.03 -41.44
N GLU A 380 28.17 1.70 -42.60
CA GLU A 380 28.22 3.16 -42.68
C GLU A 380 29.47 3.69 -42.00
N ALA A 381 30.54 2.91 -42.03
CA ALA A 381 31.79 3.27 -41.38
C ALA A 381 32.58 4.25 -42.23
N ARG A 382 33.36 5.09 -41.54
CA ARG A 382 34.16 6.15 -42.15
C ARG A 382 35.61 5.95 -41.75
N PRO A 383 36.56 6.50 -42.52
CA PRO A 383 37.97 6.42 -42.13
C PRO A 383 38.19 6.99 -40.74
N GLY A 384 38.98 6.28 -39.94
CA GLY A 384 39.15 6.60 -38.54
C GLY A 384 38.37 5.72 -37.58
N ASP A 385 37.39 4.96 -38.06
CA ASP A 385 36.63 4.08 -37.19
C ASP A 385 37.40 2.81 -36.88
N THR A 386 36.87 2.02 -35.95
CA THR A 386 37.32 0.65 -35.71
C THR A 386 36.13 -0.27 -35.90
N LEU A 387 36.32 -1.32 -36.70
CA LEU A 387 35.28 -2.31 -36.94
C LEU A 387 35.51 -3.52 -36.04
N LEU A 388 34.48 -3.89 -35.28
CA LEU A 388 34.52 -5.06 -34.42
C LEU A 388 33.55 -6.11 -34.95
N PHE A 389 33.96 -7.38 -34.88
CA PHE A 389 33.19 -8.48 -35.44
C PHE A 389 33.13 -9.62 -34.43
N VAL A 390 31.96 -10.24 -34.33
CA VAL A 390 31.80 -11.48 -33.58
C VAL A 390 31.07 -12.47 -34.47
N ALA A 391 31.67 -13.65 -34.65
CA ALA A 391 31.10 -14.72 -35.46
C ALA A 391 30.69 -15.89 -34.58
N GLY A 392 29.53 -16.47 -34.86
CA GLY A 392 29.05 -17.63 -34.15
C GLY A 392 27.56 -17.83 -34.30
N PRO A 393 26.97 -18.65 -33.43
CA PRO A 393 25.50 -18.76 -33.41
C PRO A 393 24.86 -17.40 -33.25
N ARG A 394 23.64 -17.26 -33.79
CA ARG A 394 23.04 -15.95 -33.93
C ARG A 394 22.78 -15.28 -32.58
N LYS A 395 22.25 -16.03 -31.63
CA LYS A 395 21.97 -15.44 -30.31
C LYS A 395 23.26 -15.07 -29.60
N VAL A 396 24.28 -15.92 -29.70
CA VAL A 396 25.56 -15.67 -29.04
C VAL A 396 26.23 -14.43 -29.65
N ALA A 397 26.31 -14.38 -30.98
CA ALA A 397 26.99 -13.28 -31.66
C ALA A 397 26.32 -11.94 -31.37
N ALA A 398 24.99 -11.93 -31.33
CA ALA A 398 24.27 -10.69 -31.01
C ALA A 398 24.51 -10.30 -29.55
N THR A 399 24.33 -11.24 -28.64
CA THR A 399 24.44 -10.94 -27.22
C THR A 399 25.85 -10.51 -26.85
N ALA A 400 26.86 -11.14 -27.46
CA ALA A 400 28.24 -10.81 -27.16
C ALA A 400 28.61 -9.43 -27.68
N LEU A 401 28.25 -9.12 -28.93
CA LEU A 401 28.61 -7.82 -29.46
C LEU A 401 27.74 -6.72 -28.85
N GLY A 402 26.53 -7.07 -28.42
CA GLY A 402 25.72 -6.12 -27.67
C GLY A 402 26.38 -5.72 -26.36
N ALA A 403 26.97 -6.69 -25.65
CA ALA A 403 27.71 -6.36 -24.44
C ALA A 403 28.98 -5.57 -24.78
N VAL A 404 29.66 -5.96 -25.87
CA VAL A 404 30.77 -5.15 -26.36
C VAL A 404 30.30 -3.73 -26.62
N ARG A 405 29.11 -3.57 -27.18
CA ARG A 405 28.60 -2.25 -27.53
C ARG A 405 28.42 -1.38 -26.30
N LEU A 406 27.89 -1.96 -25.21
CA LEU A 406 27.72 -1.21 -23.96
C LEU A 406 29.07 -0.84 -23.35
N ARG A 407 30.00 -1.80 -23.26
CA ARG A 407 31.32 -1.50 -22.74
C ARG A 407 32.05 -0.49 -23.62
N ALA A 408 31.83 -0.55 -24.93
CA ALA A 408 32.47 0.42 -25.82
C ALA A 408 31.96 1.84 -25.59
N ALA A 409 30.70 1.98 -25.18
CA ALA A 409 30.19 3.32 -24.89
C ALA A 409 30.99 3.99 -23.78
N ASP A 410 31.40 3.21 -22.77
CA ASP A 410 32.22 3.78 -21.70
C ASP A 410 33.63 4.11 -22.19
N LEU A 411 34.25 3.21 -22.96
CA LEU A 411 35.58 3.48 -23.50
C LEU A 411 35.60 4.77 -24.30
N LEU A 412 34.57 4.99 -25.11
CA LEU A 412 34.49 6.18 -25.96
C LEU A 412 34.01 7.42 -25.20
N GLY A 413 33.62 7.27 -23.94
CA GLY A 413 33.12 8.40 -23.17
C GLY A 413 31.88 9.04 -23.75
N LEU A 414 31.03 8.26 -24.43
CA LEU A 414 29.82 8.83 -25.00
C LEU A 414 28.94 9.45 -23.92
N LYS A 415 28.38 10.61 -24.23
CA LYS A 415 27.46 11.28 -23.33
C LYS A 415 26.12 10.54 -23.40
N ARG A 416 25.75 9.87 -22.31
CA ARG A 416 24.48 9.17 -22.21
C ARG A 416 23.60 9.94 -21.22
N GLU A 417 22.64 10.68 -21.75
CA GLU A 417 21.83 11.59 -20.95
C GLU A 417 20.36 11.32 -21.20
N GLY A 418 19.53 11.85 -20.30
CA GLY A 418 18.09 11.83 -20.48
C GLY A 418 17.47 10.49 -20.15
N PHE A 419 16.22 10.34 -20.58
CA PHE A 419 15.43 9.14 -20.34
C PHE A 419 14.92 8.62 -21.68
N ARG A 420 15.40 7.45 -22.09
CA ARG A 420 15.00 6.82 -23.34
C ARG A 420 14.21 5.56 -23.01
N PHE A 421 12.88 5.69 -23.03
CA PHE A 421 11.98 4.55 -22.91
C PHE A 421 11.81 3.85 -24.26
N LEU A 422 11.50 2.56 -24.20
CA LEU A 422 11.02 1.85 -25.38
C LEU A 422 10.24 0.63 -24.92
N TRP A 423 9.39 0.15 -25.83
CA TRP A 423 8.68 -1.10 -25.64
C TRP A 423 9.41 -2.18 -26.42
N VAL A 424 9.68 -3.30 -25.75
CA VAL A 424 10.09 -4.51 -26.46
C VAL A 424 8.88 -5.43 -26.48
N VAL A 425 8.46 -5.83 -27.67
CA VAL A 425 7.22 -6.56 -27.88
C VAL A 425 7.52 -7.88 -28.59
N ASP A 426 6.47 -8.71 -28.73
CA ASP A 426 6.52 -9.94 -29.50
C ASP A 426 7.60 -10.89 -28.99
N PHE A 427 7.72 -11.00 -27.67
CA PHE A 427 8.62 -11.98 -27.10
C PHE A 427 8.15 -13.38 -27.50
N PRO A 428 9.04 -14.36 -27.52
CA PRO A 428 8.61 -15.74 -27.71
C PRO A 428 7.76 -16.16 -26.51
N LEU A 429 6.75 -16.99 -26.79
CA LEU A 429 5.94 -17.53 -25.71
C LEU A 429 6.74 -18.49 -24.84
N LEU A 430 7.57 -19.33 -25.46
CA LEU A 430 8.22 -20.44 -24.77
C LEU A 430 9.74 -20.38 -24.91
N GLU A 431 10.39 -21.48 -24.55
CA GLU A 431 11.81 -21.74 -24.76
C GLU A 431 12.10 -23.18 -24.35
N TRP A 432 12.95 -23.86 -25.14
CA TRP A 432 13.24 -25.27 -24.90
C TRP A 432 14.00 -25.49 -23.59
N ALA A 438 12.44 -30.14 -22.82
CA ALA A 438 11.03 -29.82 -23.04
C ALA A 438 10.82 -28.32 -23.23
N TRP A 439 9.54 -27.91 -23.25
CA TRP A 439 9.17 -26.51 -23.45
C TRP A 439 8.79 -25.86 -22.12
N THR A 440 9.08 -24.57 -22.00
CA THR A 440 8.75 -23.80 -20.80
C THR A 440 8.44 -22.36 -21.16
N TYR A 441 7.57 -21.75 -20.36
CA TYR A 441 7.17 -20.36 -20.58
C TYR A 441 8.20 -19.40 -20.00
N MET A 442 8.07 -18.13 -20.39
CA MET A 442 9.06 -17.13 -19.98
C MET A 442 8.69 -16.52 -18.62
N HIS A 443 7.52 -15.93 -18.50
CA HIS A 443 7.12 -15.33 -17.23
C HIS A 443 6.15 -16.21 -16.47
N HIS A 444 4.87 -16.17 -16.82
CA HIS A 444 3.85 -17.02 -16.20
C HIS A 444 2.96 -17.62 -17.28
N PRO A 445 2.31 -18.75 -16.99
CA PRO A 445 1.63 -19.50 -18.05
C PRO A 445 0.28 -18.93 -18.48
N PHE A 446 -0.07 -17.71 -18.06
CA PHE A 446 -1.35 -17.12 -18.43
C PHE A 446 -1.22 -16.14 -19.56
N THR A 447 -0.02 -15.99 -20.11
CA THR A 447 0.21 -15.10 -21.23
C THR A 447 -0.37 -15.69 -22.51
N SER A 448 -1.13 -14.87 -23.24
CA SER A 448 -1.78 -15.29 -24.47
C SER A 448 -0.79 -15.41 -25.61
N PRO A 449 -0.86 -16.49 -26.38
CA PRO A 449 -0.14 -16.54 -27.65
C PRO A 449 -0.68 -15.50 -28.62
N HIS A 450 0.15 -15.15 -29.59
CA HIS A 450 -0.31 -14.29 -30.68
C HIS A 450 -1.46 -14.97 -31.40
N PRO A 451 -2.59 -14.30 -31.61
CA PRO A 451 -3.71 -14.96 -32.30
C PRO A 451 -3.35 -15.54 -33.65
N GLU A 452 -2.58 -14.82 -34.47
CA GLU A 452 -2.26 -15.36 -35.78
C GLU A 452 -1.21 -16.47 -35.72
N ASP A 453 -0.52 -16.64 -34.58
CA ASP A 453 0.43 -17.74 -34.40
C ASP A 453 -0.18 -18.95 -33.71
N LEU A 454 -1.48 -18.94 -33.42
CA LEU A 454 -2.09 -20.05 -32.68
C LEU A 454 -1.87 -21.41 -33.33
N PRO A 455 -2.13 -21.60 -34.64
CA PRO A 455 -1.89 -22.93 -35.23
C PRO A 455 -0.48 -23.47 -35.02
N LEU A 456 0.49 -22.60 -34.81
CA LEU A 456 1.87 -23.05 -34.61
C LEU A 456 2.12 -23.57 -33.20
N LEU A 457 1.15 -23.44 -32.30
CA LEU A 457 1.32 -23.89 -30.92
C LEU A 457 1.84 -25.32 -30.87
N GLU A 458 1.19 -26.22 -31.59
CA GLU A 458 1.60 -27.61 -31.61
C GLU A 458 2.59 -27.93 -32.72
N LYS A 459 2.47 -27.25 -33.87
CA LYS A 459 3.37 -27.52 -34.98
C LYS A 459 4.79 -27.02 -34.70
N ASP A 460 4.94 -25.71 -34.49
CA ASP A 460 6.24 -25.06 -34.36
C ASP A 460 6.23 -24.17 -33.13
N PRO A 461 6.38 -24.75 -31.93
CA PRO A 461 6.18 -23.95 -30.71
C PRO A 461 7.20 -22.85 -30.51
N GLY A 462 8.46 -23.06 -30.90
CA GLY A 462 9.48 -22.06 -30.69
C GLY A 462 9.27 -20.78 -31.47
N ARG A 463 8.45 -20.83 -32.52
CA ARG A 463 8.16 -19.68 -33.35
C ARG A 463 6.90 -18.93 -32.91
N VAL A 464 6.22 -19.40 -31.87
CA VAL A 464 4.99 -18.76 -31.41
C VAL A 464 5.34 -17.50 -30.64
N ARG A 465 4.74 -16.38 -31.05
CA ARG A 465 4.90 -15.12 -30.33
C ARG A 465 3.87 -15.01 -29.22
N ALA A 466 4.27 -14.37 -28.13
CA ALA A 466 3.34 -14.03 -27.05
C ALA A 466 2.87 -12.60 -27.20
N LEU A 467 1.68 -12.33 -26.67
CA LEU A 467 1.20 -10.94 -26.54
C LEU A 467 1.74 -10.31 -25.26
N ALA A 468 3.06 -10.37 -25.12
CA ALA A 468 3.78 -9.87 -23.97
C ALA A 468 4.70 -8.73 -24.37
N TYR A 469 5.07 -7.90 -23.40
CA TYR A 469 5.80 -6.66 -23.67
C TYR A 469 6.59 -6.27 -22.44
N ASP A 470 7.80 -5.76 -22.66
CA ASP A 470 8.62 -5.19 -21.60
C ASP A 470 8.76 -3.69 -21.84
N LEU A 471 8.69 -2.92 -20.76
CA LEU A 471 9.03 -1.51 -20.80
C LEU A 471 10.48 -1.34 -20.36
N VAL A 472 11.27 -0.65 -21.18
CA VAL A 472 12.70 -0.51 -20.94
C VAL A 472 13.04 0.97 -20.86
N LEU A 473 13.87 1.34 -19.90
CA LEU A 473 14.38 2.69 -19.74
C LEU A 473 15.89 2.62 -19.59
N ASN A 474 16.62 3.25 -20.51
CA ASN A 474 18.08 3.34 -20.46
C ASN A 474 18.72 1.97 -20.18
N GLY A 475 18.31 0.97 -20.95
CA GLY A 475 18.94 -0.35 -20.81
C GLY A 475 18.50 -1.15 -19.61
N VAL A 476 17.41 -0.76 -18.94
CA VAL A 476 16.96 -1.43 -17.72
C VAL A 476 15.49 -1.78 -17.88
N GLU A 477 15.12 -3.01 -17.51
CA GLU A 477 13.72 -3.41 -17.55
C GLU A 477 12.99 -2.78 -16.36
N VAL A 478 12.05 -1.89 -16.63
CA VAL A 478 11.27 -1.24 -15.58
C VAL A 478 9.82 -1.69 -15.56
N GLY A 479 9.41 -2.56 -16.48
CA GLY A 479 8.03 -2.99 -16.53
C GLY A 479 7.85 -4.20 -17.42
N GLY A 480 6.86 -5.03 -17.13
CA GLY A 480 6.59 -6.22 -17.91
C GLY A 480 5.14 -6.65 -17.74
N GLY A 481 4.54 -7.13 -18.82
CA GLY A 481 3.16 -7.55 -18.76
C GLY A 481 2.78 -8.31 -20.00
N SER A 482 1.50 -8.63 -20.11
CA SER A 482 1.00 -9.36 -21.26
C SER A 482 -0.52 -9.28 -21.30
N ILE A 483 -1.06 -9.57 -22.48
CA ILE A 483 -2.46 -9.94 -22.59
C ILE A 483 -2.63 -11.36 -22.06
N ARG A 484 -3.70 -11.60 -21.33
CA ARG A 484 -3.89 -12.90 -20.69
C ARG A 484 -4.78 -13.82 -21.51
N ILE A 485 -4.68 -15.12 -21.23
CA ILE A 485 -5.66 -16.07 -21.75
C ILE A 485 -6.95 -15.92 -20.97
N HIS A 486 -8.06 -15.76 -21.67
CA HIS A 486 -9.35 -15.78 -21.00
C HIS A 486 -10.20 -16.96 -21.41
N ASP A 487 -9.79 -17.71 -22.44
CA ASP A 487 -10.48 -18.93 -22.84
C ASP A 487 -9.91 -20.10 -22.04
N PRO A 488 -10.68 -20.73 -21.17
CA PRO A 488 -10.18 -21.91 -20.45
C PRO A 488 -9.73 -23.04 -21.36
N ARG A 489 -10.34 -23.20 -22.53
CA ARG A 489 -9.92 -24.28 -23.42
C ARG A 489 -8.59 -23.94 -24.08
N LEU A 490 -8.33 -22.67 -24.37
CA LEU A 490 -7.00 -22.28 -24.82
C LEU A 490 -5.98 -22.45 -23.69
N GLN A 491 -6.36 -22.10 -22.47
CA GLN A 491 -5.44 -22.25 -21.35
C GLN A 491 -5.09 -23.71 -21.11
N ALA A 492 -6.10 -24.59 -21.21
CA ALA A 492 -5.82 -26.01 -21.14
C ALA A 492 -4.93 -26.44 -22.30
N ARG A 493 -5.15 -25.86 -23.48
CA ARG A 493 -4.37 -26.22 -24.66
C ARG A 493 -2.91 -25.81 -24.49
N VAL A 494 -2.66 -24.66 -23.86
CA VAL A 494 -1.30 -24.26 -23.57
C VAL A 494 -0.68 -25.17 -22.52
N PHE A 495 -1.48 -25.62 -21.54
CA PHE A 495 -0.96 -26.54 -20.54
C PHE A 495 -0.61 -27.89 -21.14
N ARG A 496 -1.45 -28.41 -22.04
CA ARG A 496 -1.14 -29.66 -22.73
C ARG A 496 0.17 -29.55 -23.52
N LEU A 497 0.42 -28.38 -24.11
CA LEU A 497 1.67 -28.17 -24.84
C LEU A 497 2.88 -28.14 -23.91
N LEU A 498 2.70 -27.67 -22.67
CA LEU A 498 3.77 -27.62 -21.70
C LEU A 498 3.97 -28.93 -20.94
N GLY A 499 3.06 -29.89 -21.11
CA GLY A 499 3.15 -31.14 -20.38
C GLY A 499 2.65 -31.08 -18.95
N ILE A 500 1.80 -30.11 -18.62
CA ILE A 500 1.32 -29.88 -17.26
C ILE A 500 -0.02 -30.57 -17.10
N GLY A 501 -0.05 -31.64 -16.32
CA GLY A 501 -1.24 -32.46 -16.17
C GLY A 501 -2.33 -31.79 -15.35
N GLU A 502 -3.48 -32.46 -15.29
CA GLU A 502 -4.64 -31.94 -14.58
C GLU A 502 -4.39 -31.84 -13.08
N GLU A 503 -3.84 -32.90 -12.49
CA GLU A 503 -3.55 -32.87 -11.05
C GLU A 503 -2.59 -31.76 -10.70
N GLU A 504 -1.64 -31.44 -11.58
CA GLU A 504 -0.70 -30.36 -11.33
C GLU A 504 -1.36 -28.99 -11.49
N GLN A 505 -2.26 -28.86 -12.48
CA GLN A 505 -2.98 -27.61 -12.67
C GLN A 505 -3.86 -27.30 -11.45
N ARG A 506 -4.65 -28.27 -11.00
CA ARG A 506 -5.54 -28.05 -9.86
C ARG A 506 -4.75 -27.72 -8.60
N GLU A 507 -3.60 -28.38 -8.40
CA GLU A 507 -2.80 -28.11 -7.22
C GLU A 507 -2.23 -26.69 -7.24
N LYS A 508 -1.78 -26.23 -8.41
CA LYS A 508 -1.17 -24.91 -8.51
C LYS A 508 -2.19 -23.80 -8.80
N PHE A 509 -3.19 -24.08 -9.65
CA PHE A 509 -4.04 -23.01 -10.19
C PHE A 509 -5.53 -23.33 -10.13
N GLY A 510 -5.93 -24.43 -9.50
CA GLY A 510 -7.30 -24.89 -9.50
C GLY A 510 -8.35 -23.80 -9.33
N PHE A 511 -8.20 -22.96 -8.30
CA PHE A 511 -9.21 -21.95 -8.04
C PHE A 511 -9.31 -20.94 -9.17
N PHE A 512 -8.18 -20.62 -9.82
CA PHE A 512 -8.24 -19.64 -10.89
C PHE A 512 -8.74 -20.27 -12.19
N LEU A 513 -8.29 -21.49 -12.50
CA LEU A 513 -8.80 -22.16 -13.69
C LEU A 513 -10.31 -22.32 -13.62
N GLU A 514 -10.83 -22.63 -12.42
CA GLU A 514 -12.29 -22.70 -12.26
C GLU A 514 -12.93 -21.33 -12.51
N ALA A 515 -12.22 -20.25 -12.16
CA ALA A 515 -12.77 -18.92 -12.36
C ALA A 515 -12.96 -18.62 -13.84
N LEU A 516 -12.06 -19.12 -14.70
CA LEU A 516 -12.19 -18.90 -16.13
C LEU A 516 -13.44 -19.54 -16.71
N GLU A 517 -14.02 -20.53 -16.02
CA GLU A 517 -15.21 -21.21 -16.52
C GLU A 517 -16.46 -20.38 -16.32
N TYR A 518 -16.37 -19.26 -15.60
CA TYR A 518 -17.52 -18.42 -15.29
C TYR A 518 -17.53 -17.13 -16.10
N GLY A 519 -16.82 -17.10 -17.23
CA GLY A 519 -16.89 -15.96 -18.11
C GLY A 519 -15.87 -14.90 -17.81
N ALA A 520 -14.63 -15.15 -18.21
CA ALA A 520 -13.57 -14.16 -18.08
C ALA A 520 -13.54 -13.26 -19.30
N PRO A 521 -13.49 -11.95 -19.15
CA PRO A 521 -13.37 -11.07 -20.32
C PRO A 521 -11.97 -11.15 -20.91
N PRO A 522 -11.79 -10.73 -22.15
CA PRO A 522 -10.42 -10.47 -22.62
C PRO A 522 -9.78 -9.47 -21.67
N HIS A 523 -8.54 -9.73 -21.27
CA HIS A 523 -7.89 -8.79 -20.36
C HIS A 523 -6.38 -8.90 -20.46
N GLY A 524 -5.71 -7.88 -19.94
CA GLY A 524 -4.26 -7.81 -19.97
C GLY A 524 -3.80 -6.70 -19.04
N GLY A 525 -2.50 -6.69 -18.80
CA GLY A 525 -1.98 -5.72 -17.85
C GLY A 525 -0.48 -5.65 -17.86
N ILE A 526 0.06 -5.08 -16.79
CA ILE A 526 1.48 -4.81 -16.67
C ILE A 526 1.78 -4.55 -15.20
N ALA A 527 3.04 -4.72 -14.83
CA ALA A 527 3.54 -4.19 -13.57
C ALA A 527 4.85 -3.46 -13.83
N TRP A 528 4.98 -2.24 -13.28
CA TRP A 528 6.24 -1.53 -13.23
C TRP A 528 7.03 -1.93 -12.00
N GLY A 529 8.36 -1.98 -12.16
CA GLY A 529 9.22 -2.02 -11.00
C GLY A 529 9.42 -0.61 -10.47
N LEU A 530 8.66 -0.25 -9.43
CA LEU A 530 8.65 1.14 -8.98
C LEU A 530 10.00 1.55 -8.38
N ASP A 531 10.61 0.67 -7.58
CA ASP A 531 11.92 1.01 -7.01
C ASP A 531 12.96 1.19 -8.10
N ARG A 532 12.95 0.29 -9.10
CA ARG A 532 13.86 0.45 -10.23
C ARG A 532 13.62 1.77 -10.96
N LEU A 533 12.35 2.09 -11.21
CA LEU A 533 12.04 3.35 -11.91
C LEU A 533 12.56 4.54 -11.12
N LEU A 534 12.31 4.57 -9.80
CA LEU A 534 12.73 5.70 -8.98
C LEU A 534 14.24 5.82 -8.90
N ALA A 535 14.96 4.69 -8.82
CA ALA A 535 16.41 4.74 -8.84
C ALA A 535 16.93 5.33 -10.13
N LEU A 536 16.33 4.95 -11.26
CA LEU A 536 16.74 5.52 -12.54
C LEU A 536 16.39 6.99 -12.62
N MET A 537 15.19 7.38 -12.18
CA MET A 537 14.80 8.78 -12.19
C MET A 537 15.72 9.65 -11.34
N THR A 538 16.42 9.08 -10.37
CA THR A 538 17.29 9.85 -9.47
C THR A 538 18.77 9.64 -9.74
N GLY A 539 19.12 8.83 -10.73
CA GLY A 539 20.51 8.48 -10.94
C GLY A 539 21.15 7.74 -9.78
N SER A 540 20.34 6.99 -9.01
CA SER A 540 20.90 6.26 -7.86
C SER A 540 21.54 4.96 -8.33
N PRO A 541 22.65 4.54 -7.71
CA PRO A 541 23.28 3.28 -8.11
C PRO A 541 22.57 2.03 -7.62
N SER A 542 21.60 2.18 -6.70
CA SER A 542 20.94 1.05 -6.08
C SER A 542 19.52 1.46 -5.72
N ILE A 543 18.60 0.50 -5.76
CA ILE A 543 17.24 0.79 -5.32
C ILE A 543 17.20 1.04 -3.81
N ARG A 544 18.26 0.64 -3.09
CA ARG A 544 18.36 0.96 -1.66
C ARG A 544 18.28 2.46 -1.39
N GLU A 545 18.63 3.29 -2.38
CA GLU A 545 18.59 4.73 -2.23
C GLU A 545 17.20 5.31 -2.34
N VAL A 546 16.22 4.56 -2.85
CA VAL A 546 14.87 5.08 -3.01
C VAL A 546 13.87 4.31 -2.15
N ILE A 547 14.37 3.54 -1.19
CA ILE A 547 13.56 2.83 -0.21
C ILE A 547 13.90 3.37 1.16
N ALA A 548 12.88 3.67 1.96
CA ALA A 548 13.11 4.32 3.25
C ALA A 548 13.95 3.46 4.17
N PHE A 549 13.53 2.22 4.40
CA PHE A 549 14.24 1.31 5.32
C PHE A 549 14.47 0.00 4.59
N PRO A 550 15.47 -0.07 3.72
CA PRO A 550 15.72 -1.29 2.95
C PRO A 550 16.59 -2.26 3.74
N LYS A 551 16.66 -3.48 3.22
CA LYS A 551 17.64 -4.44 3.70
C LYS A 551 18.99 -4.17 3.03
N ASN A 552 20.05 -4.68 3.63
CA ASN A 552 21.36 -4.57 2.99
C ASN A 552 21.48 -5.62 1.89
N LYS A 553 22.59 -5.56 1.15
CA LYS A 553 22.80 -6.46 0.02
C LYS A 553 22.69 -7.92 0.42
N GLU A 554 22.77 -8.22 1.71
CA GLU A 554 22.78 -9.59 2.19
C GLU A 554 21.40 -10.09 2.60
N GLY A 555 20.42 -9.20 2.76
CA GLY A 555 19.07 -9.58 3.12
C GLY A 555 18.67 -9.23 4.54
N LYS A 556 19.59 -8.76 5.36
CA LYS A 556 19.34 -8.44 6.75
C LYS A 556 19.10 -6.95 6.94
N ASP A 557 18.58 -6.59 8.10
CA ASP A 557 18.32 -5.19 8.43
C ASP A 557 19.24 -4.75 9.55
N PRO A 558 20.29 -3.98 9.27
CA PRO A 558 21.20 -3.55 10.35
C PRO A 558 20.56 -2.59 11.33
N LEU A 559 19.52 -1.87 10.91
CA LEU A 559 18.86 -0.92 11.81
C LEU A 559 18.22 -1.63 13.01
N THR A 560 17.36 -2.61 12.74
CA THR A 560 16.60 -3.26 13.82
C THR A 560 17.16 -4.61 14.23
N GLY A 561 18.02 -5.21 13.41
CA GLY A 561 18.57 -6.52 13.73
C GLY A 561 17.80 -7.69 13.14
N ALA A 562 16.67 -7.44 12.48
CA ALA A 562 15.94 -8.52 11.84
C ALA A 562 16.75 -9.07 10.66
N PRO A 563 16.72 -10.38 10.41
CA PRO A 563 15.97 -11.37 11.19
C PRO A 563 16.71 -11.77 12.47
N SER A 564 15.97 -11.92 13.55
CA SER A 564 16.52 -12.21 14.87
C SER A 564 15.84 -13.45 15.43
N PRO A 565 16.47 -14.12 16.39
CA PRO A 565 15.82 -15.28 17.02
C PRO A 565 14.60 -14.85 17.83
N VAL A 566 13.79 -15.84 18.19
CA VAL A 566 12.64 -15.60 19.04
C VAL A 566 12.74 -16.52 20.25
N PRO A 567 12.16 -16.15 21.39
CA PRO A 567 12.11 -17.07 22.53
C PRO A 567 11.48 -18.39 22.12
N GLU A 568 12.02 -19.49 22.65
CA GLU A 568 11.51 -20.80 22.25
C GLU A 568 10.06 -20.98 22.65
N GLU A 569 9.57 -20.22 23.64
CA GLU A 569 8.15 -20.28 23.98
C GLU A 569 7.29 -19.63 22.91
N GLN A 570 7.77 -18.56 22.28
CA GLN A 570 7.05 -17.98 21.16
C GLN A 570 6.99 -18.94 19.97
N LEU A 571 8.06 -19.71 19.73
CA LEU A 571 8.08 -20.66 18.63
C LEU A 571 7.34 -21.95 18.98
N ARG A 572 7.50 -22.44 20.22
CA ARG A 572 6.74 -23.62 20.63
C ARG A 572 5.24 -23.37 20.51
N GLU A 573 4.80 -22.14 20.78
CA GLU A 573 3.39 -21.80 20.65
C GLU A 573 2.89 -22.01 19.23
N LEU A 574 3.76 -21.84 18.24
CA LEU A 574 3.39 -22.12 16.85
C LEU A 574 3.46 -23.60 16.50
N GLY A 575 3.97 -24.45 17.40
CA GLY A 575 4.08 -25.85 17.10
C GLY A 575 5.20 -26.22 16.15
N LEU A 576 6.25 -25.40 16.10
CA LEU A 576 7.41 -25.64 15.25
C LEU A 576 8.67 -25.67 16.10
N MET A 577 9.72 -26.27 15.55
CA MET A 577 11.02 -26.27 16.21
C MET A 577 12.12 -26.30 15.16
N VAL A 578 13.30 -25.82 15.57
CA VAL A 578 14.47 -25.86 14.72
C VAL A 578 15.07 -27.26 14.75
N VAL A 579 15.42 -27.79 13.58
CA VAL A 579 15.90 -29.16 13.46
C VAL A 579 17.40 -29.28 13.78
N GLY B 1 -7.95 2.66 -30.85
CA GLY B 1 -8.29 2.54 -29.43
C GLY B 1 -9.13 1.32 -29.12
N MET B 2 -10.09 1.49 -28.20
CA MET B 2 -10.97 0.41 -27.81
C MET B 2 -12.10 0.22 -28.84
N ARG B 3 -12.50 -1.03 -29.06
CA ARG B 3 -13.74 -1.28 -29.77
C ARG B 3 -14.91 -0.60 -29.07
N ARG B 4 -14.96 -0.73 -27.75
CA ARG B 4 -16.07 -0.22 -26.95
C ARG B 4 -16.24 1.28 -27.13
N THR B 5 -17.47 1.71 -27.41
CA THR B 5 -17.77 3.13 -27.52
C THR B 5 -18.32 3.74 -26.24
N HIS B 6 -19.00 2.94 -25.41
CA HIS B 6 -19.56 3.42 -24.15
C HIS B 6 -19.57 2.28 -23.14
N TYR B 7 -19.64 2.65 -21.87
CA TYR B 7 -20.04 1.69 -20.86
C TYR B 7 -21.52 1.37 -21.03
N ALA B 8 -21.87 0.09 -20.84
CA ALA B 8 -23.26 -0.34 -21.09
C ALA B 8 -24.24 0.43 -20.22
N GLY B 9 -23.97 0.53 -18.92
CA GLY B 9 -24.92 1.16 -18.04
C GLY B 9 -25.03 2.67 -18.19
N SER B 10 -24.21 3.28 -19.04
CA SER B 10 -24.17 4.73 -19.16
C SER B 10 -25.03 5.27 -20.30
N LEU B 11 -25.72 4.41 -21.04
CA LEU B 11 -26.53 4.88 -22.16
C LEU B 11 -27.79 5.58 -21.64
N ARG B 12 -28.16 6.67 -22.30
CA ARG B 12 -29.35 7.45 -21.98
C ARG B 12 -30.11 7.75 -23.28
N GLU B 13 -31.24 8.46 -23.14
CA GLU B 13 -32.02 8.84 -24.32
C GLU B 13 -31.25 9.81 -25.22
N THR B 14 -30.30 10.56 -24.67
CA THR B 14 -29.47 11.45 -25.48
C THR B 14 -28.66 10.69 -26.53
N HIS B 15 -28.51 9.38 -26.39
CA HIS B 15 -27.77 8.58 -27.34
C HIS B 15 -28.64 7.95 -28.42
N VAL B 16 -29.95 8.19 -28.40
CA VAL B 16 -30.84 7.53 -29.36
C VAL B 16 -30.42 7.93 -30.77
N GLY B 17 -30.34 6.93 -31.64
CA GLY B 17 -29.89 7.13 -33.00
C GLY B 17 -28.41 6.82 -33.22
N GLU B 18 -27.61 6.82 -32.16
CA GLU B 18 -26.20 6.50 -32.30
C GLU B 18 -26.00 5.00 -32.49
N GLU B 19 -24.96 4.66 -33.25
CA GLU B 19 -24.48 3.29 -33.33
C GLU B 19 -23.38 3.11 -32.29
N VAL B 20 -23.50 2.07 -31.47
CA VAL B 20 -22.61 1.88 -30.34
C VAL B 20 -22.00 0.49 -30.40
N VAL B 21 -20.84 0.36 -29.76
CA VAL B 21 -20.19 -0.92 -29.53
C VAL B 21 -20.08 -1.09 -28.03
N LEU B 22 -20.56 -2.23 -27.52
CA LEU B 22 -20.61 -2.47 -26.08
C LEU B 22 -19.98 -3.81 -25.76
N GLU B 23 -19.44 -3.92 -24.55
CA GLU B 23 -18.85 -5.17 -24.08
C GLU B 23 -19.25 -5.40 -22.63
N GLY B 24 -19.56 -6.66 -22.29
CA GLY B 24 -19.98 -6.95 -20.94
C GLY B 24 -20.58 -8.34 -20.82
N TRP B 25 -21.23 -8.55 -19.67
CA TRP B 25 -21.77 -9.84 -19.27
C TRP B 25 -23.27 -9.86 -19.48
N VAL B 26 -23.78 -11.05 -19.82
CA VAL B 26 -25.21 -11.25 -19.96
C VAL B 26 -25.80 -11.40 -18.56
N ASN B 27 -26.48 -10.36 -18.09
CA ASN B 27 -27.15 -10.41 -16.78
C ASN B 27 -28.33 -11.38 -16.81
N ARG B 28 -29.07 -11.41 -17.91
CA ARG B 28 -30.25 -12.24 -18.04
C ARG B 28 -30.66 -12.26 -19.51
N ARG B 29 -31.30 -13.36 -19.90
CA ARG B 29 -31.85 -13.52 -21.25
C ARG B 29 -33.29 -13.97 -21.12
N ARG B 30 -34.19 -13.33 -21.87
CA ARG B 30 -35.54 -13.83 -22.01
C ARG B 30 -35.98 -13.73 -23.47
N ASP B 31 -36.73 -14.73 -23.91
CA ASP B 31 -37.19 -14.85 -25.28
C ASP B 31 -38.67 -14.55 -25.36
N LEU B 32 -39.06 -13.74 -26.35
CA LEU B 32 -40.45 -13.33 -26.49
C LEU B 32 -40.77 -13.12 -27.97
N GLY B 33 -41.75 -13.89 -28.47
CA GLY B 33 -42.21 -13.80 -29.84
C GLY B 33 -41.12 -13.84 -30.90
N GLY B 34 -40.03 -14.55 -30.62
CA GLY B 34 -38.92 -14.60 -31.54
C GLY B 34 -37.83 -13.61 -31.23
N LEU B 35 -38.12 -12.55 -30.48
CA LEU B 35 -37.10 -11.62 -30.07
C LEU B 35 -36.30 -12.22 -28.92
N ILE B 36 -35.01 -11.87 -28.87
CA ILE B 36 -34.12 -12.28 -27.79
C ILE B 36 -33.66 -11.01 -27.09
N PHE B 37 -34.06 -10.87 -25.84
CA PHE B 37 -33.69 -9.72 -25.01
C PHE B 37 -32.52 -10.13 -24.12
N LEU B 38 -31.41 -9.40 -24.22
CA LEU B 38 -30.26 -9.61 -23.37
C LEU B 38 -30.02 -8.35 -22.54
N ASP B 39 -30.06 -8.49 -21.22
CA ASP B 39 -29.60 -7.42 -20.34
C ASP B 39 -28.07 -7.49 -20.26
N LEU B 40 -27.40 -6.52 -20.88
CA LEU B 40 -25.95 -6.48 -20.92
C LEU B 40 -25.44 -5.66 -19.73
N ARG B 41 -24.46 -6.23 -19.02
CA ARG B 41 -23.98 -5.67 -17.77
C ARG B 41 -22.50 -5.33 -17.86
N ASP B 42 -22.14 -4.13 -17.41
CA ASP B 42 -20.75 -3.85 -17.05
C ASP B 42 -20.77 -3.04 -15.75
N ARG B 43 -19.64 -2.44 -15.41
CA ARG B 43 -19.53 -1.82 -14.09
C ARG B 43 -20.42 -0.59 -13.94
N GLU B 44 -20.97 -0.06 -15.04
CA GLU B 44 -21.86 1.08 -14.95
C GLU B 44 -23.34 0.70 -14.91
N GLY B 45 -23.67 -0.59 -15.09
CA GLY B 45 -25.05 -1.04 -14.97
C GLY B 45 -25.50 -1.80 -16.20
N LEU B 46 -26.83 -1.90 -16.35
CA LEU B 46 -27.49 -2.72 -17.36
C LEU B 46 -28.02 -1.87 -18.51
N VAL B 47 -27.96 -2.46 -19.71
CA VAL B 47 -28.68 -1.92 -20.87
C VAL B 47 -29.31 -3.10 -21.61
N GLN B 48 -30.50 -2.90 -22.16
CA GLN B 48 -31.19 -3.96 -22.87
C GLN B 48 -30.71 -4.04 -24.32
N LEU B 49 -30.28 -5.24 -24.73
CA LEU B 49 -29.99 -5.55 -26.12
C LEU B 49 -31.18 -6.30 -26.70
N VAL B 50 -31.50 -6.05 -27.97
CA VAL B 50 -32.57 -6.76 -28.67
C VAL B 50 -31.97 -7.39 -29.92
N ALA B 51 -32.13 -8.71 -30.03
CA ALA B 51 -31.73 -9.47 -31.21
C ALA B 51 -32.98 -9.88 -31.97
N HIS B 52 -33.15 -9.36 -33.18
CA HIS B 52 -34.27 -9.63 -34.06
C HIS B 52 -33.96 -10.84 -34.93
N PRO B 53 -34.96 -11.69 -35.21
CA PRO B 53 -34.71 -12.86 -36.09
C PRO B 53 -34.13 -12.51 -37.45
N ALA B 54 -34.34 -11.30 -37.94
CA ALA B 54 -33.80 -10.91 -39.24
C ALA B 54 -32.38 -10.39 -39.16
N SER B 55 -31.81 -10.31 -37.97
CA SER B 55 -30.49 -9.73 -37.81
C SER B 55 -29.40 -10.78 -37.97
N PRO B 56 -28.23 -10.37 -38.49
CA PRO B 56 -27.07 -11.29 -38.48
C PRO B 56 -26.64 -11.67 -37.07
N ALA B 57 -26.95 -10.83 -36.08
CA ALA B 57 -26.60 -11.12 -34.70
C ALA B 57 -27.46 -12.22 -34.09
N TYR B 58 -28.53 -12.64 -34.76
CA TYR B 58 -29.50 -13.53 -34.12
C TYR B 58 -28.92 -14.90 -33.83
N ALA B 59 -28.25 -15.50 -34.82
CA ALA B 59 -27.68 -16.83 -34.63
C ALA B 59 -26.73 -16.87 -33.43
N THR B 60 -25.90 -15.84 -33.28
CA THR B 60 -25.05 -15.76 -32.10
C THR B 60 -25.88 -15.63 -30.83
N ALA B 61 -26.89 -14.76 -30.86
CA ALA B 61 -27.67 -14.49 -29.65
C ALA B 61 -28.39 -15.73 -29.13
N GLU B 62 -28.68 -16.69 -30.02
CA GLU B 62 -29.39 -17.90 -29.60
C GLU B 62 -28.53 -18.82 -28.75
N ARG B 63 -27.20 -18.72 -28.85
CA ARG B 63 -26.31 -19.53 -28.03
C ARG B 63 -26.13 -18.96 -26.63
N VAL B 64 -26.38 -17.68 -26.45
CA VAL B 64 -25.94 -16.96 -25.27
C VAL B 64 -26.72 -17.40 -24.04
N ARG B 65 -26.00 -17.60 -22.92
CA ARG B 65 -26.59 -17.93 -21.62
C ARG B 65 -26.14 -16.88 -20.61
N PRO B 66 -26.72 -16.84 -19.41
CA PRO B 66 -26.30 -15.83 -18.43
C PRO B 66 -24.82 -15.91 -18.11
N GLU B 67 -24.24 -14.74 -17.80
CA GLU B 67 -22.85 -14.54 -17.44
C GLU B 67 -21.88 -14.79 -18.60
N TRP B 68 -22.39 -15.08 -19.80
CA TRP B 68 -21.51 -15.09 -20.96
C TRP B 68 -21.02 -13.67 -21.21
N VAL B 69 -19.81 -13.57 -21.77
CA VAL B 69 -19.20 -12.29 -22.10
C VAL B 69 -19.32 -12.08 -23.60
N VAL B 70 -19.86 -10.93 -24.00
CA VAL B 70 -20.16 -10.66 -25.40
C VAL B 70 -19.70 -9.25 -25.77
N ARG B 71 -19.47 -9.06 -27.07
CA ARG B 71 -19.33 -7.73 -27.66
C ARG B 71 -20.50 -7.51 -28.60
N ALA B 72 -21.18 -6.39 -28.43
CA ALA B 72 -22.41 -6.11 -29.14
C ALA B 72 -22.28 -4.80 -29.90
N LYS B 73 -22.90 -4.74 -31.08
CA LYS B 73 -22.97 -3.52 -31.87
C LYS B 73 -24.39 -3.33 -32.37
N GLY B 74 -24.87 -2.10 -32.31
CA GLY B 74 -26.22 -1.83 -32.77
C GLY B 74 -26.59 -0.38 -32.54
N LEU B 75 -27.86 -0.07 -32.78
CA LEU B 75 -28.34 1.30 -32.69
C LEU B 75 -29.19 1.50 -31.44
N VAL B 76 -28.92 2.59 -30.73
CA VAL B 76 -29.71 2.94 -29.55
C VAL B 76 -31.08 3.42 -30.01
N ARG B 77 -32.13 2.81 -29.45
CA ARG B 77 -33.49 3.23 -29.74
C ARG B 77 -34.26 3.32 -28.44
N LEU B 78 -35.33 4.10 -28.47
CA LEU B 78 -36.25 4.16 -27.35
C LEU B 78 -36.98 2.82 -27.18
N ARG B 79 -37.18 2.42 -25.90
CA ARG B 79 -38.03 1.27 -25.62
C ARG B 79 -39.49 1.66 -25.78
N PRO B 80 -40.31 0.81 -26.40
CA PRO B 80 -41.76 1.08 -26.41
C PRO B 80 -42.32 1.38 -25.03
N GLU B 81 -42.00 0.55 -24.03
CA GLU B 81 -42.34 0.87 -22.65
C GLU B 81 -41.05 0.96 -21.84
N PRO B 82 -40.83 2.06 -21.13
CA PRO B 82 -39.57 2.21 -20.40
C PRO B 82 -39.58 1.46 -19.08
N ASN B 83 -38.38 1.08 -18.64
CA ASN B 83 -38.18 0.42 -17.35
C ASN B 83 -37.66 1.47 -16.38
N PRO B 84 -38.50 2.08 -15.55
CA PRO B 84 -38.02 3.17 -14.69
C PRO B 84 -37.07 2.73 -13.59
N ARG B 85 -36.84 1.44 -13.42
CA ARG B 85 -35.91 0.94 -12.40
C ARG B 85 -34.46 0.94 -12.86
N LEU B 86 -34.19 1.30 -14.11
CA LEU B 86 -32.84 1.28 -14.64
C LEU B 86 -32.47 2.66 -15.16
N ALA B 87 -31.19 3.03 -15.00
CA ALA B 87 -30.75 4.32 -15.51
C ALA B 87 -30.80 4.36 -17.03
N THR B 88 -30.64 3.22 -17.70
CA THR B 88 -30.80 3.10 -19.14
C THR B 88 -32.22 2.72 -19.54
N GLY B 89 -33.16 2.75 -18.60
CA GLY B 89 -34.46 2.10 -18.78
C GLY B 89 -35.32 2.67 -19.90
N ARG B 90 -34.95 3.82 -20.48
CA ARG B 90 -35.73 4.39 -21.55
C ARG B 90 -35.25 3.94 -22.93
N VAL B 91 -34.11 3.27 -23.03
CA VAL B 91 -33.48 2.97 -24.30
C VAL B 91 -33.12 1.50 -24.36
N GLU B 92 -32.79 1.05 -25.57
CA GLU B 92 -32.35 -0.31 -25.82
C GLU B 92 -31.44 -0.27 -27.03
N VAL B 93 -30.72 -1.37 -27.25
CA VAL B 93 -29.80 -1.48 -28.37
C VAL B 93 -30.34 -2.53 -29.34
N GLU B 94 -30.71 -2.08 -30.54
CA GLU B 94 -31.14 -2.97 -31.61
C GLU B 94 -29.89 -3.57 -32.25
N LEU B 95 -29.66 -4.85 -32.02
CA LEU B 95 -28.37 -5.46 -32.34
C LEU B 95 -28.21 -5.67 -33.84
N SER B 96 -27.09 -5.22 -34.38
CA SER B 96 -26.66 -5.55 -35.73
C SER B 96 -25.55 -6.59 -35.76
N ALA B 97 -24.79 -6.72 -34.67
CA ALA B 97 -23.74 -7.72 -34.58
C ALA B 97 -23.58 -8.13 -33.12
N LEU B 98 -23.18 -9.38 -32.92
CA LEU B 98 -22.97 -9.91 -31.58
C LEU B 98 -21.93 -11.02 -31.68
N GLU B 99 -20.89 -10.92 -30.86
CA GLU B 99 -19.86 -11.95 -30.81
C GLU B 99 -19.65 -12.41 -29.37
N VAL B 100 -19.48 -13.71 -29.20
CA VAL B 100 -19.22 -14.28 -27.89
C VAL B 100 -17.72 -14.19 -27.62
N LEU B 101 -17.35 -13.46 -26.58
CA LEU B 101 -15.95 -13.40 -26.15
C LEU B 101 -15.61 -14.49 -25.14
N ALA B 102 -16.60 -14.94 -24.36
CA ALA B 102 -16.37 -15.97 -23.36
C ALA B 102 -17.70 -16.59 -22.96
N GLU B 103 -17.69 -17.91 -22.81
CA GLU B 103 -18.85 -18.63 -22.29
C GLU B 103 -18.70 -18.78 -20.78
N ALA B 104 -19.78 -19.21 -20.14
CA ALA B 104 -19.79 -19.29 -18.69
C ALA B 104 -20.80 -20.34 -18.24
N LYS B 105 -20.44 -21.10 -17.22
CA LYS B 105 -21.41 -22.00 -16.61
C LYS B 105 -22.19 -21.27 -15.53
N THR B 106 -23.26 -21.91 -15.08
CA THR B 106 -24.19 -21.26 -14.15
C THR B 106 -23.49 -20.98 -12.83
N PRO B 107 -23.53 -19.75 -12.32
CA PRO B 107 -22.83 -19.45 -11.07
C PRO B 107 -23.51 -20.14 -9.90
N PRO B 108 -22.77 -20.42 -8.81
CA PRO B 108 -23.37 -21.09 -7.65
C PRO B 108 -24.32 -20.22 -6.85
N PHE B 109 -24.43 -18.94 -7.15
CA PHE B 109 -25.42 -18.06 -6.55
C PHE B 109 -25.68 -16.90 -7.51
N PRO B 110 -26.82 -16.25 -7.41
CA PRO B 110 -27.12 -15.16 -8.35
C PRO B 110 -26.34 -13.89 -8.05
N VAL B 111 -25.95 -13.20 -9.13
CA VAL B 111 -25.28 -11.90 -9.05
C VAL B 111 -26.05 -10.81 -9.78
N ASP B 112 -27.21 -11.12 -10.33
CA ASP B 112 -27.90 -10.23 -11.26
C ASP B 112 -28.92 -9.31 -10.60
N ALA B 113 -29.47 -9.68 -9.45
CA ALA B 113 -30.58 -8.94 -8.87
C ALA B 113 -30.20 -7.50 -8.57
N GLY B 114 -29.01 -7.29 -7.98
CA GLY B 114 -28.64 -5.94 -7.56
C GLY B 114 -28.52 -4.97 -8.72
N TRP B 115 -28.14 -5.46 -9.90
CA TRP B 115 -28.01 -4.56 -11.04
C TRP B 115 -29.37 -4.15 -11.59
N ARG B 116 -30.44 -4.86 -11.24
CA ARG B 116 -31.80 -4.47 -11.61
C ARG B 116 -32.46 -3.57 -10.58
N GLY B 117 -31.77 -3.25 -9.50
CA GLY B 117 -32.38 -2.52 -8.41
C GLY B 117 -33.19 -3.38 -7.47
N GLU B 118 -33.24 -4.69 -7.69
CA GLU B 118 -34.00 -5.61 -6.88
C GLU B 118 -33.18 -6.12 -5.70
N GLU B 119 -33.88 -6.57 -4.66
CA GLU B 119 -33.23 -7.04 -3.45
C GLU B 119 -32.50 -8.36 -3.72
N GLU B 120 -31.36 -8.55 -3.07
CA GLU B 120 -30.58 -9.77 -3.20
C GLU B 120 -30.85 -10.67 -2.01
N LYS B 121 -31.13 -11.94 -2.29
CA LYS B 121 -31.30 -12.92 -1.22
C LYS B 121 -29.95 -13.23 -0.58
N GLU B 122 -29.98 -13.60 0.70
CA GLU B 122 -28.74 -13.82 1.43
C GLU B 122 -28.13 -15.16 1.05
N ALA B 123 -26.87 -15.13 0.63
CA ALA B 123 -26.11 -16.33 0.33
C ALA B 123 -25.18 -16.67 1.49
N SER B 124 -24.83 -17.95 1.58
CA SER B 124 -23.85 -18.39 2.57
C SER B 124 -22.53 -17.67 2.37
N GLU B 125 -22.01 -17.03 3.44
CA GLU B 125 -20.80 -16.24 3.28
C GLU B 125 -19.61 -17.11 2.95
N GLU B 126 -19.59 -18.36 3.43
CA GLU B 126 -18.50 -19.25 3.07
C GLU B 126 -18.53 -19.57 1.58
N LEU B 127 -19.74 -19.70 1.00
CA LEU B 127 -19.83 -19.92 -0.43
C LEU B 127 -19.44 -18.67 -1.20
N ARG B 128 -19.85 -17.49 -0.70
CA ARG B 128 -19.45 -16.24 -1.34
C ARG B 128 -17.93 -16.09 -1.33
N LEU B 129 -17.28 -16.45 -0.22
CA LEU B 129 -15.83 -16.34 -0.15
C LEU B 129 -15.15 -17.36 -1.05
N LYS B 130 -15.71 -18.57 -1.14
CA LYS B 130 -15.12 -19.58 -2.02
C LYS B 130 -15.14 -19.13 -3.46
N TYR B 131 -16.21 -18.46 -3.88
CA TYR B 131 -16.30 -17.90 -5.22
C TYR B 131 -16.27 -16.37 -5.16
N ARG B 132 -15.28 -15.83 -4.47
CA ARG B 132 -15.25 -14.38 -4.22
C ARG B 132 -15.20 -13.59 -5.52
N TYR B 133 -14.61 -14.16 -6.58
CA TYR B 133 -14.58 -13.44 -7.85
C TYR B 133 -15.96 -13.34 -8.48
N LEU B 134 -16.90 -14.22 -8.12
CA LEU B 134 -18.29 -14.05 -8.56
C LEU B 134 -19.04 -13.12 -7.61
N ASP B 135 -18.84 -13.27 -6.30
CA ASP B 135 -19.46 -12.37 -5.33
C ASP B 135 -19.13 -10.92 -5.65
N LEU B 136 -17.90 -10.65 -6.08
CA LEU B 136 -17.49 -9.30 -6.42
C LEU B 136 -18.18 -8.76 -7.68
N ARG B 137 -18.94 -9.59 -8.40
CA ARG B 137 -19.72 -9.08 -9.53
C ARG B 137 -20.96 -8.31 -9.10
N ARG B 138 -21.46 -8.53 -7.87
CA ARG B 138 -22.69 -7.89 -7.42
C ARG B 138 -22.50 -6.38 -7.30
N ARG B 139 -23.58 -5.64 -7.53
CA ARG B 139 -23.50 -4.19 -7.51
C ARG B 139 -23.02 -3.68 -6.15
N ARG B 140 -23.53 -4.25 -5.05
CA ARG B 140 -23.19 -3.72 -3.73
C ARG B 140 -21.70 -3.87 -3.44
N MET B 141 -21.10 -4.99 -3.86
CA MET B 141 -19.68 -5.21 -3.60
C MET B 141 -18.82 -4.25 -4.40
N GLN B 142 -19.18 -4.01 -5.67
CA GLN B 142 -18.42 -3.06 -6.46
C GLN B 142 -18.58 -1.65 -5.92
N GLU B 143 -19.77 -1.30 -5.45
CA GLU B 143 -19.97 -0.02 -4.79
C GLU B 143 -19.06 0.13 -3.58
N ASN B 144 -18.93 -0.93 -2.79
CA ASN B 144 -18.06 -0.88 -1.62
C ASN B 144 -16.60 -0.67 -2.03
N LEU B 145 -16.12 -1.42 -3.02
CA LEU B 145 -14.72 -1.30 -3.44
C LEU B 145 -14.45 0.04 -4.08
N ARG B 146 -15.41 0.57 -4.85
CA ARG B 146 -15.21 1.87 -5.47
C ARG B 146 -15.25 2.98 -4.43
N LEU B 147 -16.13 2.85 -3.42
CA LEU B 147 -16.09 3.78 -2.29
C LEU B 147 -14.75 3.74 -1.58
N ARG B 148 -14.23 2.52 -1.35
CA ARG B 148 -12.91 2.36 -0.75
C ARG B 148 -11.85 3.11 -1.56
N HIS B 149 -11.94 3.03 -2.89
CA HIS B 149 -11.01 3.78 -3.73
C HIS B 149 -11.19 5.28 -3.54
N ARG B 150 -12.45 5.75 -3.48
CA ARG B 150 -12.67 7.19 -3.35
C ARG B 150 -12.15 7.70 -2.03
N VAL B 151 -12.28 6.90 -0.97
CA VAL B 151 -11.84 7.33 0.35
C VAL B 151 -10.32 7.47 0.40
N ILE B 152 -9.61 6.50 -0.15
CA ILE B 152 -8.15 6.54 -0.11
C ILE B 152 -7.64 7.69 -0.97
N LYS B 153 -8.23 7.89 -2.15
CA LYS B 153 -7.82 9.00 -3.01
C LYS B 153 -8.04 10.34 -2.32
N ALA B 154 -9.17 10.48 -1.61
CA ALA B 154 -9.42 11.71 -0.87
C ALA B 154 -8.36 11.93 0.21
N ILE B 155 -7.97 10.85 0.89
CA ILE B 155 -6.92 10.93 1.90
C ILE B 155 -5.62 11.44 1.28
N TRP B 156 -5.25 10.87 0.13
CA TRP B 156 -4.07 11.34 -0.61
C TRP B 156 -4.18 12.81 -0.98
N ASP B 157 -5.36 13.23 -1.46
CA ASP B 157 -5.50 14.62 -1.88
C ASP B 157 -5.33 15.57 -0.70
N PHE B 158 -5.95 15.26 0.43
CA PHE B 158 -5.91 16.15 1.59
C PHE B 158 -4.52 16.19 2.21
N LEU B 159 -3.92 15.03 2.45
CA LEU B 159 -2.65 14.99 3.17
C LEU B 159 -1.51 15.48 2.29
N ASP B 160 -1.56 15.20 0.99
CA ASP B 160 -0.59 15.80 0.08
C ASP B 160 -0.69 17.31 0.13
N ARG B 161 -1.91 17.85 0.11
CA ARG B 161 -2.10 19.29 0.21
C ARG B 161 -1.59 19.84 1.53
N GLU B 162 -1.66 19.05 2.61
CA GLU B 162 -1.22 19.50 3.93
C GLU B 162 0.26 19.24 4.17
N GLY B 163 1.00 18.80 3.15
CA GLY B 163 2.43 18.62 3.26
C GLY B 163 2.88 17.28 3.82
N PHE B 164 1.98 16.32 3.95
CA PHE B 164 2.38 15.01 4.43
C PHE B 164 3.10 14.24 3.33
N VAL B 165 4.13 13.51 3.70
CA VAL B 165 4.90 12.68 2.77
C VAL B 165 4.50 11.24 2.99
N GLN B 166 4.02 10.57 1.94
CA GLN B 166 3.75 9.15 2.03
C GLN B 166 5.08 8.40 2.00
N VAL B 167 5.31 7.56 3.00
CA VAL B 167 6.50 6.72 3.05
C VAL B 167 6.03 5.29 3.27
N GLU B 168 6.55 4.37 2.46
CA GLU B 168 6.25 2.95 2.64
C GLU B 168 7.31 2.33 3.55
N THR B 169 6.87 1.59 4.56
CA THR B 169 7.72 1.03 5.59
C THR B 169 7.81 -0.49 5.43
N PRO B 170 8.76 -1.15 6.11
CA PRO B 170 9.00 -2.57 5.84
C PRO B 170 7.88 -3.50 6.30
N PHE B 171 7.78 -4.63 5.60
CA PHE B 171 6.93 -5.75 6.00
C PHE B 171 7.72 -6.87 6.66
N LEU B 172 8.99 -7.02 6.29
CA LEU B 172 9.88 -8.00 6.91
C LEU B 172 10.74 -7.22 7.89
N THR B 173 10.29 -7.13 9.14
CA THR B 173 10.91 -6.26 10.12
C THR B 173 11.14 -7.03 11.41
N LYS B 174 11.36 -6.31 12.51
CA LYS B 174 11.83 -6.92 13.75
C LYS B 174 10.68 -7.35 14.65
N SER B 175 10.87 -8.47 15.33
CA SER B 175 9.87 -9.08 16.21
C SER B 175 9.72 -8.34 17.53
N PRO B 177 4.38 -4.31 17.78
CA PRO B 177 4.32 -4.22 19.25
C PRO B 177 3.08 -3.48 19.77
N GLU B 178 1.88 -3.94 19.38
CA GLU B 178 0.64 -3.21 19.65
C GLU B 178 -0.33 -3.99 20.53
N GLY B 179 0.11 -5.05 21.20
CA GLY B 179 -0.77 -5.82 22.04
C GLY B 179 -1.37 -7.03 21.35
N ALA B 180 -0.55 -7.76 20.61
CA ALA B 180 -0.98 -8.98 19.93
C ALA B 180 0.25 -9.85 19.68
N ARG B 181 0.02 -11.04 19.13
CA ARG B 181 1.12 -11.89 18.73
C ARG B 181 1.61 -11.50 17.34
N ASP B 182 2.90 -11.75 17.10
CA ASP B 182 3.50 -11.47 15.80
C ASP B 182 3.30 -12.66 14.86
N PHE B 183 3.02 -12.35 13.60
CA PHE B 183 3.20 -13.33 12.54
C PHE B 183 4.68 -13.38 12.17
N LEU B 184 5.25 -14.57 12.16
CA LEU B 184 6.67 -14.73 11.89
C LEU B 184 6.89 -15.19 10.46
N VAL B 185 8.08 -14.89 9.94
CA VAL B 185 8.51 -15.34 8.63
C VAL B 185 9.89 -15.96 8.79
N PRO B 186 10.07 -17.25 8.53
CA PRO B 186 11.37 -17.89 8.76
C PRO B 186 12.43 -17.39 7.79
N TYR B 187 13.61 -17.07 8.33
CA TYR B 187 14.75 -16.68 7.51
C TYR B 187 15.46 -17.95 7.04
N ARG B 188 15.41 -18.20 5.72
CA ARG B 188 15.84 -19.49 5.19
C ARG B 188 17.32 -19.78 5.45
N HIS B 189 18.18 -18.78 5.26
CA HIS B 189 19.62 -19.04 5.26
C HIS B 189 20.17 -19.40 6.64
N GLU B 190 19.49 -18.99 7.72
CA GLU B 190 19.94 -19.28 9.09
C GLU B 190 18.76 -19.75 9.91
N PRO B 191 18.45 -21.05 9.87
CA PRO B 191 17.31 -21.57 10.65
C PRO B 191 17.39 -21.17 12.12
N GLY B 192 16.26 -20.72 12.65
CA GLY B 192 16.19 -20.12 13.96
C GLY B 192 16.01 -18.62 13.93
N LEU B 193 16.32 -17.99 12.80
CA LEU B 193 16.07 -16.57 12.61
C LEU B 193 14.74 -16.38 11.90
N PHE B 194 14.00 -15.36 12.32
CA PHE B 194 12.70 -15.03 11.74
C PHE B 194 12.61 -13.53 11.55
N TYR B 195 11.93 -13.12 10.49
CA TYR B 195 11.34 -11.78 10.45
C TYR B 195 9.98 -11.81 11.12
N ALA B 196 9.49 -10.63 11.45
CA ALA B 196 8.11 -10.47 11.90
C ALA B 196 7.39 -9.55 10.93
N LEU B 197 6.11 -9.84 10.70
CA LEU B 197 5.27 -8.89 10.00
C LEU B 197 4.86 -7.77 10.96
N PRO B 198 4.73 -6.54 10.47
CA PRO B 198 4.53 -5.43 11.40
C PRO B 198 3.10 -5.44 11.95
N GLN B 199 2.99 -5.35 13.29
CA GLN B 199 1.69 -5.11 13.88
C GLN B 199 1.20 -3.69 13.60
N SER B 200 2.13 -2.76 13.36
CA SER B 200 1.85 -1.41 12.91
C SER B 200 3.19 -0.83 12.46
N PRO B 201 3.21 0.33 11.80
CA PRO B 201 4.51 0.94 11.48
C PRO B 201 5.02 1.89 12.55
N GLN B 202 4.58 1.71 13.81
CA GLN B 202 4.79 2.67 14.89
C GLN B 202 6.23 3.17 14.98
N LEU B 203 7.18 2.26 15.18
CA LEU B 203 8.55 2.69 15.40
C LEU B 203 9.18 3.27 14.14
N PHE B 204 8.78 2.80 12.95
CA PHE B 204 9.33 3.38 11.73
C PHE B 204 8.86 4.82 11.53
N LYS B 205 7.58 5.10 11.82
CA LYS B 205 7.11 6.46 11.60
C LYS B 205 7.68 7.44 12.63
N GLN B 206 7.96 6.97 13.85
CA GLN B 206 8.66 7.84 14.80
C GLN B 206 10.09 8.09 14.33
N MET B 207 10.73 7.06 13.76
CA MET B 207 12.07 7.27 13.21
C MET B 207 12.03 8.20 12.01
N LEU B 208 10.92 8.23 11.28
CA LEU B 208 10.81 9.20 10.19
C LEU B 208 10.69 10.61 10.73
N MET B 209 10.16 10.77 11.96
CA MET B 209 10.22 12.07 12.62
C MET B 209 11.64 12.39 13.08
N VAL B 210 12.34 11.41 13.66
CA VAL B 210 13.75 11.62 13.99
C VAL B 210 14.54 12.02 12.76
N ALA B 211 14.15 11.51 11.60
CA ALA B 211 14.82 11.81 10.33
C ALA B 211 14.51 13.20 9.81
N GLY B 212 13.57 13.91 10.42
CA GLY B 212 13.26 15.26 10.03
C GLY B 212 12.30 15.40 8.88
N LEU B 213 11.53 14.36 8.56
CA LEU B 213 10.54 14.47 7.49
C LEU B 213 9.31 15.26 7.89
N ASP B 214 9.15 15.55 9.19
CA ASP B 214 8.11 16.43 9.75
C ASP B 214 6.69 15.87 9.75
N ARG B 215 6.18 15.39 8.61
CA ARG B 215 4.83 14.81 8.61
C ARG B 215 4.74 13.69 7.58
N TYR B 216 4.24 12.54 8.03
CA TYR B 216 4.24 11.31 7.26
C TYR B 216 2.83 10.75 7.22
N PHE B 217 2.53 9.99 6.16
CA PHE B 217 1.36 9.13 6.21
C PHE B 217 1.62 7.88 5.38
N GLN B 218 0.78 6.87 5.60
CA GLN B 218 0.85 5.63 4.85
C GLN B 218 -0.49 4.91 5.01
N ILE B 219 -0.98 4.34 3.90
CA ILE B 219 -2.07 3.38 3.98
C ILE B 219 -1.40 2.04 4.28
N ALA B 220 -1.32 1.70 5.56
CA ALA B 220 -0.47 0.61 6.02
C ALA B 220 -1.30 -0.64 6.26
N ARG B 221 -0.67 -1.79 6.01
CA ARG B 221 -1.26 -3.08 6.30
C ARG B 221 -0.63 -3.59 7.59
N CYS B 222 -1.47 -3.90 8.58
CA CYS B 222 -1.04 -4.33 9.90
C CYS B 222 -1.38 -5.80 10.10
N PHE B 223 -0.49 -6.54 10.74
CA PHE B 223 -0.64 -7.99 10.90
C PHE B 223 -0.57 -8.30 12.38
N ARG B 224 -1.64 -8.91 12.91
CA ARG B 224 -1.73 -9.19 14.34
C ARG B 224 -2.40 -10.55 14.52
N ASP B 225 -1.69 -11.47 15.16
CA ASP B 225 -2.18 -12.83 15.37
C ASP B 225 -2.99 -12.86 16.67
N GLU B 226 -4.25 -12.49 16.55
CA GLU B 226 -5.16 -12.49 17.69
C GLU B 226 -6.12 -13.67 17.60
N ASP B 227 -6.73 -14.00 18.75
CA ASP B 227 -7.91 -14.85 18.73
C ASP B 227 -9.00 -14.10 17.96
N LEU B 228 -9.17 -14.43 16.68
CA LEU B 228 -9.92 -13.59 15.75
C LEU B 228 -11.41 -13.51 16.08
N ARG B 229 -11.74 -13.33 17.37
CA ARG B 229 -13.09 -12.99 17.77
C ARG B 229 -13.35 -11.51 17.54
N ALA B 230 -14.63 -11.15 17.53
CA ALA B 230 -15.06 -9.76 17.31
C ALA B 230 -14.70 -9.26 15.92
N ASP B 231 -14.88 -10.13 14.91
CA ASP B 231 -14.76 -9.78 13.50
C ASP B 231 -13.33 -9.34 13.15
N ARG B 232 -12.35 -10.00 13.76
CA ARG B 232 -10.96 -9.67 13.48
C ARG B 232 -10.46 -10.41 12.25
N GLN B 233 -9.74 -9.70 11.40
CA GLN B 233 -8.98 -10.28 10.30
C GLN B 233 -7.51 -10.40 10.68
N PRO B 234 -6.81 -11.43 10.19
CA PRO B 234 -5.38 -11.55 10.50
C PRO B 234 -4.59 -10.32 10.12
N ASP B 235 -4.88 -9.71 8.98
CA ASP B 235 -4.32 -8.42 8.62
C ASP B 235 -5.44 -7.46 8.29
N PHE B 236 -5.19 -6.18 8.52
CA PHE B 236 -6.16 -5.13 8.29
C PHE B 236 -5.41 -3.88 7.86
N THR B 237 -6.16 -2.82 7.54
CA THR B 237 -5.58 -1.64 6.92
C THR B 237 -5.77 -0.41 7.80
N GLN B 238 -4.71 0.38 7.92
CA GLN B 238 -4.70 1.61 8.69
C GLN B 238 -4.36 2.77 7.79
N LEU B 239 -5.03 3.90 8.00
CA LEU B 239 -4.44 5.19 7.65
C LEU B 239 -3.52 5.55 8.80
N ASP B 240 -2.22 5.48 8.56
CA ASP B 240 -1.21 5.77 9.57
C ASP B 240 -0.62 7.14 9.27
N LEU B 241 -0.39 7.94 10.31
CA LEU B 241 0.22 9.25 10.09
C LEU B 241 0.94 9.71 11.35
N GLU B 242 1.90 10.63 11.15
CA GLU B 242 2.71 11.14 12.24
C GLU B 242 3.12 12.57 11.92
N MET B 243 3.19 13.42 12.94
CA MET B 243 3.54 14.83 12.80
C MET B 243 4.58 15.21 13.84
N SER B 244 5.39 16.22 13.51
CA SER B 244 6.41 16.74 14.41
C SER B 244 5.98 18.10 14.93
N PHE B 245 6.49 18.46 16.11
CA PHE B 245 6.25 19.76 16.73
C PHE B 245 4.76 20.05 16.91
N VAL B 246 4.04 19.07 17.46
CA VAL B 246 2.59 19.17 17.63
C VAL B 246 2.21 18.89 19.08
N GLU B 247 1.14 19.55 19.51
CA GLU B 247 0.43 19.19 20.72
C GLU B 247 -0.78 18.36 20.33
N VAL B 248 -1.45 17.79 21.34
CA VAL B 248 -2.62 16.95 21.08
C VAL B 248 -3.59 17.66 20.16
N GLU B 249 -3.88 18.93 20.46
CA GLU B 249 -4.86 19.69 19.68
C GLU B 249 -4.49 19.75 18.20
N ASP B 250 -3.19 19.89 17.89
CA ASP B 250 -2.78 19.93 16.49
C ASP B 250 -3.13 18.64 15.77
N VAL B 251 -2.91 17.49 16.41
CA VAL B 251 -3.24 16.22 15.80
C VAL B 251 -4.74 16.07 15.65
N LEU B 252 -5.51 16.50 16.66
CA LEU B 252 -6.95 16.33 16.61
C LEU B 252 -7.56 17.17 15.51
N GLU B 253 -7.13 18.43 15.37
CA GLU B 253 -7.73 19.33 14.39
C GLU B 253 -7.45 18.87 12.97
N LEU B 254 -6.22 18.42 12.70
CA LEU B 254 -5.90 17.97 11.35
C LEU B 254 -6.74 16.76 10.97
N ASN B 255 -6.93 15.82 11.90
CA ASN B 255 -7.68 14.61 11.60
C ASN B 255 -9.16 14.92 11.38
N GLU B 256 -9.73 15.81 12.21
CA GLU B 256 -11.09 16.30 12.01
C GLU B 256 -11.29 16.81 10.59
N ARG B 257 -10.44 17.75 10.17
CA ARG B 257 -10.58 18.32 8.83
C ARG B 257 -10.40 17.25 7.76
N LEU B 258 -9.49 16.30 7.99
CA LEU B 258 -9.28 15.22 7.04
C LEU B 258 -10.53 14.35 6.92
N MET B 259 -11.10 13.95 8.06
CA MET B 259 -12.30 13.13 8.04
C MET B 259 -13.45 13.84 7.35
N ALA B 260 -13.62 15.13 7.64
CA ALA B 260 -14.70 15.88 7.02
C ALA B 260 -14.50 15.96 5.52
N HIS B 261 -13.25 16.08 5.08
CA HIS B 261 -12.97 16.06 3.66
C HIS B 261 -13.29 14.69 3.07
N VAL B 262 -12.86 13.63 3.75
CA VAL B 262 -13.11 12.27 3.26
C VAL B 262 -14.61 12.03 3.08
N PHE B 263 -15.41 12.35 4.11
CA PHE B 263 -16.84 12.11 4.03
C PHE B 263 -17.50 12.99 2.98
N ARG B 264 -17.05 14.24 2.85
CA ARG B 264 -17.65 15.14 1.86
C ARG B 264 -17.40 14.64 0.44
N GLU B 265 -16.16 14.25 0.13
CA GLU B 265 -15.78 13.90 -1.23
C GLU B 265 -16.21 12.49 -1.62
N ALA B 266 -16.26 11.55 -0.67
CA ALA B 266 -16.54 10.16 -0.99
C ALA B 266 -17.99 9.76 -0.72
N LEU B 267 -18.66 10.39 0.25
CA LEU B 267 -20.04 10.08 0.58
C LEU B 267 -21.01 11.23 0.34
N GLY B 268 -20.53 12.42 0.01
CA GLY B 268 -21.42 13.57 -0.09
C GLY B 268 -22.07 13.96 1.22
N VAL B 269 -21.42 13.70 2.35
CA VAL B 269 -21.95 13.98 3.68
C VAL B 269 -21.12 15.08 4.31
N GLU B 270 -21.80 16.10 4.83
CA GLU B 270 -21.15 17.17 5.59
C GLU B 270 -21.08 16.78 7.07
N LEU B 271 -19.88 16.79 7.62
CA LEU B 271 -19.68 16.52 9.04
C LEU B 271 -19.41 17.84 9.74
N PRO B 272 -20.31 18.30 10.63
CA PRO B 272 -20.06 19.55 11.34
C PRO B 272 -18.78 19.49 12.18
N LEU B 273 -18.06 20.60 12.20
CA LEU B 273 -16.80 20.70 12.92
C LEU B 273 -16.87 21.80 13.96
N PRO B 274 -16.12 21.68 15.06
CA PRO B 274 -15.25 20.54 15.38
C PRO B 274 -16.02 19.33 15.93
N PHE B 275 -15.37 18.16 15.97
CA PHE B 275 -15.99 17.02 16.64
C PHE B 275 -16.16 17.33 18.14
N PRO B 276 -17.19 16.78 18.78
CA PRO B 276 -17.25 16.86 20.24
C PRO B 276 -16.09 16.12 20.86
N ARG B 277 -15.72 16.56 22.06
CA ARG B 277 -14.62 15.99 22.81
C ARG B 277 -15.11 15.61 24.20
N LEU B 278 -14.81 14.39 24.63
CA LEU B 278 -15.09 13.94 25.98
C LEU B 278 -13.80 13.35 26.55
N SER B 279 -13.51 13.69 27.80
CA SER B 279 -12.38 13.03 28.44
C SER B 279 -12.74 11.58 28.71
N TYR B 280 -11.71 10.78 29.00
CA TYR B 280 -11.96 9.38 29.33
C TYR B 280 -12.89 9.27 30.53
N GLU B 281 -12.68 10.11 31.55
CA GLU B 281 -13.53 10.06 32.75
C GLU B 281 -14.93 10.55 32.44
N GLU B 282 -15.07 11.61 31.64
CA GLU B 282 -16.39 12.09 31.23
C GLU B 282 -17.15 11.01 30.46
N ALA B 283 -16.49 10.39 29.48
CA ALA B 283 -17.16 9.37 28.66
C ALA B 283 -17.61 8.19 29.51
N MET B 284 -16.78 7.78 30.47
CA MET B 284 -17.12 6.65 31.33
C MET B 284 -18.25 6.99 32.30
N GLU B 285 -18.29 8.24 32.79
CA GLU B 285 -19.36 8.63 33.70
C GLU B 285 -20.68 8.78 32.97
N ARG B 286 -20.68 9.44 31.81
CA ARG B 286 -21.93 9.75 31.12
C ARG B 286 -22.42 8.61 30.25
N TYR B 287 -21.55 7.67 29.86
CA TYR B 287 -21.94 6.62 28.93
C TYR B 287 -21.49 5.22 29.32
N GLY B 288 -20.66 5.07 30.34
CA GLY B 288 -20.17 3.75 30.70
C GLY B 288 -19.39 3.06 29.60
N SER B 289 -18.69 3.82 28.77
CA SER B 289 -17.91 3.27 27.68
C SER B 289 -16.96 4.34 27.16
N ASP B 290 -15.71 3.93 26.91
CA ASP B 290 -14.73 4.83 26.31
C ASP B 290 -14.89 4.93 24.80
N LYS B 291 -15.92 4.31 24.23
CA LYS B 291 -16.29 4.46 22.83
C LYS B 291 -17.79 4.76 22.75
N PRO B 292 -18.22 5.92 23.23
CA PRO B 292 -19.67 6.17 23.37
C PRO B 292 -20.39 6.26 22.03
N ASP B 293 -21.64 5.79 22.04
CA ASP B 293 -22.53 5.91 20.89
C ASP B 293 -23.41 7.14 21.13
N LEU B 294 -23.11 8.22 20.43
CA LEU B 294 -23.81 9.50 20.63
C LEU B 294 -25.04 9.64 19.74
N ARG B 295 -25.50 8.56 19.11
CA ARG B 295 -26.68 8.59 18.27
C ARG B 295 -27.98 8.51 19.06
N PHE B 296 -27.89 8.38 20.39
CA PHE B 296 -29.07 8.44 21.24
C PHE B 296 -28.63 8.91 22.62
N GLY B 297 -29.61 9.21 23.46
CA GLY B 297 -29.33 9.75 24.78
C GLY B 297 -29.21 8.69 25.84
N LEU B 298 -30.10 8.73 26.83
CA LEU B 298 -30.13 7.76 27.92
C LEU B 298 -28.80 7.74 28.68
N GLU B 299 -28.40 8.91 29.15
CA GLU B 299 -27.12 9.02 29.85
C GLU B 299 -27.21 8.40 31.24
N LEU B 300 -26.04 7.99 31.76
CA LEU B 300 -25.95 7.38 33.08
C LEU B 300 -25.85 8.45 34.15
N LYS B 301 -26.49 8.21 35.29
CA LYS B 301 -26.47 9.15 36.40
C LYS B 301 -25.98 8.45 37.66
N GLU B 302 -25.09 9.15 38.38
CA GLU B 302 -24.55 8.70 39.66
C GLU B 302 -25.54 9.05 40.76
N VAL B 303 -26.01 8.06 41.51
CA VAL B 303 -26.95 8.34 42.59
C VAL B 303 -26.50 7.77 43.93
N GLY B 304 -25.27 7.27 43.99
CA GLY B 304 -24.69 6.78 45.23
C GLY B 304 -24.85 7.70 46.44
N PRO B 305 -24.58 9.00 46.29
CA PRO B 305 -24.67 9.92 47.44
C PRO B 305 -26.09 10.11 47.97
N LEU B 306 -27.08 9.55 47.29
CA LEU B 306 -28.49 9.52 47.69
C LEU B 306 -28.82 8.37 48.64
N PHE B 307 -27.94 7.37 48.78
CA PHE B 307 -28.27 6.16 49.51
C PHE B 307 -27.39 5.99 50.75
N ARG B 308 -26.76 7.06 51.21
CA ARG B 308 -25.87 6.93 52.36
C ARG B 308 -26.66 6.72 53.65
N GLN B 309 -27.97 7.01 53.64
CA GLN B 309 -28.86 6.69 54.75
C GLN B 309 -29.83 5.55 54.42
N SER B 310 -29.55 4.74 53.40
CA SER B 310 -30.52 3.74 52.98
C SER B 310 -30.34 2.42 53.71
N GLY B 311 -31.47 1.77 54.00
CA GLY B 311 -31.48 0.42 54.54
C GLY B 311 -31.04 -0.65 53.57
N PHE B 312 -30.86 -0.31 52.30
CA PHE B 312 -30.43 -1.26 51.26
C PHE B 312 -28.92 -1.34 51.24
N ARG B 313 -28.38 -2.33 51.96
CA ARG B 313 -26.94 -2.41 52.18
C ARG B 313 -26.16 -2.54 50.87
N VAL B 314 -26.77 -3.17 49.85
CA VAL B 314 -26.07 -3.40 48.60
C VAL B 314 -25.81 -2.08 47.88
N PHE B 315 -26.71 -1.12 48.03
CA PHE B 315 -26.49 0.24 47.56
C PHE B 315 -25.61 1.02 48.54
N GLN B 316 -25.92 0.96 49.83
CA GLN B 316 -25.28 1.85 50.80
C GLN B 316 -23.79 1.58 50.91
N GLU B 317 -23.35 0.33 50.74
CA GLU B 317 -21.92 0.06 50.82
C GLU B 317 -21.17 0.31 49.51
N ALA B 318 -21.88 0.42 48.39
CA ALA B 318 -21.22 0.41 47.09
C ALA B 318 -20.48 1.72 46.85
N GLU B 319 -19.27 1.63 46.26
CA GLU B 319 -18.58 2.84 45.82
C GLU B 319 -19.45 3.67 44.89
N SER B 320 -20.14 3.03 43.96
CA SER B 320 -20.99 3.72 42.99
C SER B 320 -22.30 2.96 42.79
N VAL B 321 -23.37 3.72 42.59
CA VAL B 321 -24.64 3.20 42.10
C VAL B 321 -25.02 4.06 40.90
N LYS B 322 -24.99 3.47 39.71
CA LYS B 322 -25.36 4.19 38.50
C LYS B 322 -26.80 3.87 38.15
N ALA B 323 -27.53 4.89 37.69
CA ALA B 323 -28.92 4.72 37.32
C ALA B 323 -29.15 5.17 35.88
N LEU B 324 -30.17 4.59 35.26
CA LEU B 324 -30.55 4.90 33.89
C LEU B 324 -32.07 4.84 33.81
N ALA B 325 -32.69 5.86 33.23
CA ALA B 325 -34.13 5.90 33.07
C ALA B 325 -34.48 5.65 31.61
N LEU B 326 -35.20 4.54 31.35
CA LEU B 326 -35.63 4.14 30.02
C LEU B 326 -37.08 4.57 29.82
N PRO B 327 -37.43 5.17 28.68
CA PRO B 327 -38.82 5.63 28.47
C PRO B 327 -39.78 4.52 28.04
N LYS B 328 -39.88 3.46 28.86
CA LYS B 328 -40.74 2.33 28.53
C LYS B 328 -40.88 1.43 29.75
N ALA B 329 -42.05 0.79 29.84
CA ALA B 329 -42.34 -0.20 30.87
C ALA B 329 -41.91 -1.56 30.33
N LEU B 330 -40.73 -2.01 30.73
CA LEU B 330 -40.20 -3.25 30.18
C LEU B 330 -40.99 -4.45 30.70
N SER B 331 -41.06 -5.50 29.89
CA SER B 331 -41.55 -6.78 30.37
C SER B 331 -40.52 -7.42 31.30
N ARG B 332 -40.99 -8.34 32.15
CA ARG B 332 -40.06 -9.05 33.00
C ARG B 332 -39.04 -9.87 32.21
N LYS B 333 -39.43 -10.36 31.03
CA LYS B 333 -38.45 -11.07 30.20
C LYS B 333 -37.33 -10.14 29.77
N GLU B 334 -37.70 -8.96 29.28
CA GLU B 334 -36.74 -7.96 28.82
C GLU B 334 -35.83 -7.49 29.94
N VAL B 335 -36.39 -7.24 31.12
CA VAL B 335 -35.57 -6.87 32.29
C VAL B 335 -34.53 -7.94 32.57
N ALA B 336 -34.95 -9.22 32.55
CA ALA B 336 -34.00 -10.29 32.81
C ALA B 336 -32.92 -10.35 31.74
N GLU B 337 -33.25 -9.99 30.50
CA GLU B 337 -32.24 -9.93 29.44
C GLU B 337 -31.18 -8.87 29.74
N LEU B 338 -31.62 -7.66 30.09
CA LEU B 338 -30.67 -6.62 30.46
C LEU B 338 -29.90 -6.98 31.71
N GLU B 339 -30.56 -7.62 32.67
CA GLU B 339 -29.82 -8.10 33.84
C GLU B 339 -28.74 -9.07 33.43
N GLU B 340 -29.02 -9.93 32.44
CA GLU B 340 -28.00 -10.87 32.00
C GLU B 340 -26.86 -10.15 31.30
N VAL B 341 -27.19 -9.16 30.45
CA VAL B 341 -26.15 -8.31 29.87
C VAL B 341 -25.31 -7.68 30.98
N ALA B 342 -25.98 -7.10 31.98
CA ALA B 342 -25.25 -6.46 33.09
C ALA B 342 -24.33 -7.44 33.79
N LYS B 343 -24.84 -8.64 34.08
CA LYS B 343 -24.05 -9.65 34.78
C LYS B 343 -22.90 -10.16 33.93
N ARG B 344 -23.09 -10.22 32.61
CA ARG B 344 -22.01 -10.57 31.70
C ARG B 344 -20.88 -9.54 31.72
N HIS B 345 -21.14 -8.32 32.18
CA HIS B 345 -20.11 -7.29 32.32
C HIS B 345 -19.66 -7.08 33.76
N LYS B 346 -19.70 -8.12 34.59
CA LYS B 346 -19.10 -8.18 35.92
C LYS B 346 -19.94 -7.49 36.98
N ALA B 347 -21.17 -7.08 36.64
CA ALA B 347 -22.03 -6.46 37.64
C ALA B 347 -22.56 -7.50 38.61
N GLN B 348 -22.87 -7.06 39.83
CA GLN B 348 -23.51 -7.92 40.81
C GLN B 348 -24.97 -8.17 40.49
N GLY B 349 -25.57 -7.36 39.62
CA GLY B 349 -26.97 -7.52 39.28
C GLY B 349 -27.54 -6.24 38.70
N LEU B 350 -28.83 -6.31 38.41
CA LEU B 350 -29.58 -5.20 37.84
C LEU B 350 -30.86 -5.01 38.65
N ALA B 351 -31.08 -3.81 39.15
CA ALA B 351 -32.32 -3.46 39.82
C ALA B 351 -33.25 -2.75 38.87
N TRP B 352 -34.55 -2.80 39.18
CA TRP B 352 -35.56 -2.26 38.27
C TRP B 352 -36.75 -1.80 39.09
N ALA B 353 -37.60 -0.98 38.45
CA ALA B 353 -38.88 -0.60 39.01
C ALA B 353 -39.74 -0.01 37.89
N ARG B 354 -40.83 0.64 38.26
CA ARG B 354 -41.64 1.41 37.32
C ARG B 354 -41.98 2.77 37.91
N VAL B 355 -42.08 3.76 37.03
CA VAL B 355 -42.54 5.09 37.39
C VAL B 355 -44.00 5.19 36.97
N GLU B 356 -44.85 5.47 37.96
CA GLU B 356 -46.30 5.63 37.84
C GLU B 356 -46.67 7.03 38.29
N GLU B 357 -47.97 7.35 38.23
CA GLU B 357 -48.42 8.73 38.29
C GLU B 357 -48.03 9.39 39.60
N GLY B 358 -48.01 8.63 40.70
CA GLY B 358 -47.67 9.19 41.99
C GLY B 358 -46.57 8.38 42.66
N GLY B 359 -46.70 7.06 42.69
CA GLY B 359 -45.73 6.20 43.33
C GLY B 359 -44.95 5.37 42.34
N PHE B 360 -44.45 4.23 42.81
CA PHE B 360 -43.57 3.37 42.04
C PHE B 360 -44.15 1.96 42.06
N SER B 361 -43.75 1.13 41.09
CA SER B 361 -44.19 -0.25 41.12
C SER B 361 -43.18 -1.21 40.49
N GLY B 362 -43.09 -2.41 41.07
CA GLY B 362 -42.20 -3.46 40.61
C GLY B 362 -40.78 -3.41 41.17
N GLY B 363 -40.14 -4.58 41.13
CA GLY B 363 -38.77 -4.75 41.55
C GLY B 363 -38.40 -4.17 42.90
N VAL B 364 -37.43 -3.26 42.88
CA VAL B 364 -36.85 -2.71 44.08
C VAL B 364 -37.54 -1.39 44.44
N ALA B 365 -38.74 -1.15 43.90
CA ALA B 365 -39.48 0.11 44.08
C ALA B 365 -39.57 0.49 45.55
N LYS B 366 -39.74 -0.50 46.43
CA LYS B 366 -39.85 -0.22 47.85
C LYS B 366 -38.66 0.59 48.36
N PHE B 367 -37.44 0.22 47.97
CA PHE B 367 -36.30 0.95 48.50
C PHE B 367 -36.09 2.27 47.77
N LEU B 368 -36.78 2.49 46.65
CA LEU B 368 -36.72 3.74 45.91
C LEU B 368 -37.72 4.77 46.42
N GLU B 369 -38.83 4.31 46.99
CA GLU B 369 -39.87 5.22 47.47
C GLU B 369 -39.38 6.25 48.50
N PRO B 370 -38.59 5.90 49.52
CA PRO B 370 -38.16 6.93 50.49
C PRO B 370 -37.38 8.08 49.90
N VAL B 371 -36.73 7.91 48.75
CA VAL B 371 -35.97 9.00 48.15
C VAL B 371 -36.54 9.38 46.79
N ARG B 372 -37.66 10.09 46.80
CA ARG B 372 -38.39 10.31 45.56
C ARG B 372 -38.09 11.66 44.90
N GLU B 373 -38.23 12.76 45.63
CA GLU B 373 -38.04 14.07 45.01
C GLU B 373 -36.67 14.19 44.34
N ALA B 374 -35.61 13.86 45.07
CA ALA B 374 -34.25 14.03 44.56
C ALA B 374 -33.95 13.09 43.39
N LEU B 375 -34.46 11.86 43.48
CA LEU B 375 -34.26 10.86 42.43
C LEU B 375 -34.89 11.28 41.11
N LEU B 376 -36.12 11.79 41.14
CA LEU B 376 -36.76 12.22 39.90
C LEU B 376 -36.04 13.43 39.29
N GLN B 377 -35.48 14.31 40.12
CA GLN B 377 -34.72 15.43 39.57
C GLN B 377 -33.43 14.94 38.94
N ALA B 378 -32.81 13.93 39.56
CA ALA B 378 -31.53 13.41 39.09
C ALA B 378 -31.67 12.54 37.85
N THR B 379 -32.80 11.86 37.67
CA THR B 379 -32.99 10.95 36.55
C THR B 379 -33.92 11.46 35.46
N GLU B 380 -34.73 12.48 35.73
CA GLU B 380 -35.69 13.03 34.79
C GLU B 380 -36.71 12.00 34.32
N ALA B 381 -36.93 10.96 35.12
CA ALA B 381 -37.86 9.89 34.80
C ALA B 381 -39.30 10.37 34.79
N ARG B 382 -40.11 9.77 33.93
CA ARG B 382 -41.50 10.16 33.73
C ARG B 382 -42.38 8.93 33.94
N PRO B 383 -43.67 9.12 34.24
CA PRO B 383 -44.56 7.97 34.39
C PRO B 383 -44.57 7.04 33.18
N GLY B 384 -44.53 5.73 33.45
CA GLY B 384 -44.36 4.75 32.39
C GLY B 384 -42.94 4.28 32.15
N ASP B 385 -41.95 4.93 32.75
CA ASP B 385 -40.56 4.53 32.61
C ASP B 385 -40.18 3.37 33.53
N THR B 386 -39.05 2.75 33.19
CA THR B 386 -38.37 1.76 34.01
C THR B 386 -36.98 2.26 34.41
N LEU B 387 -36.69 2.24 35.72
CA LEU B 387 -35.39 2.65 36.24
C LEU B 387 -34.52 1.41 36.45
N LEU B 388 -33.28 1.48 35.97
CA LEU B 388 -32.29 0.43 36.16
C LEU B 388 -31.07 0.94 36.94
N PHE B 389 -30.52 0.06 37.76
CA PHE B 389 -29.37 0.35 38.61
C PHE B 389 -28.38 -0.79 38.60
N VAL B 390 -27.10 -0.42 38.60
CA VAL B 390 -25.99 -1.31 38.91
C VAL B 390 -25.20 -0.68 40.04
N ALA B 391 -24.95 -1.44 41.10
CA ALA B 391 -24.17 -0.97 42.24
C ALA B 391 -22.84 -1.72 42.28
N GLY B 392 -21.76 -0.98 42.50
CA GLY B 392 -20.45 -1.56 42.64
C GLY B 392 -19.33 -0.56 42.54
N PRO B 393 -18.11 -1.05 42.35
CA PRO B 393 -16.98 -0.16 42.03
C PRO B 393 -17.31 0.71 40.82
N ARG B 394 -16.74 1.91 40.80
CA ARG B 394 -17.15 2.92 39.83
C ARG B 394 -16.98 2.44 38.39
N LYS B 395 -15.84 1.80 38.07
CA LYS B 395 -15.61 1.42 36.69
C LYS B 395 -16.55 0.28 36.27
N VAL B 396 -16.77 -0.68 37.18
CA VAL B 396 -17.71 -1.77 36.93
C VAL B 396 -19.12 -1.24 36.71
N ALA B 397 -19.60 -0.40 37.65
CA ALA B 397 -20.97 0.11 37.60
C ALA B 397 -21.21 0.88 36.30
N ALA B 398 -20.24 1.68 35.87
CA ALA B 398 -20.38 2.44 34.64
C ALA B 398 -20.42 1.48 33.45
N THR B 399 -19.46 0.55 33.39
CA THR B 399 -19.33 -0.30 32.22
C THR B 399 -20.53 -1.23 32.11
N ALA B 400 -21.03 -1.73 33.24
CA ALA B 400 -22.17 -2.64 33.19
C ALA B 400 -23.43 -1.92 32.75
N LEU B 401 -23.70 -0.75 33.34
CA LEU B 401 -24.93 -0.05 32.96
C LEU B 401 -24.81 0.58 31.58
N GLY B 402 -23.59 0.86 31.12
CA GLY B 402 -23.40 1.32 29.75
C GLY B 402 -23.70 0.24 28.72
N ALA B 403 -23.35 -1.00 29.02
CA ALA B 403 -23.71 -2.10 28.12
C ALA B 403 -25.20 -2.38 28.14
N VAL B 404 -25.83 -2.26 29.31
CA VAL B 404 -27.29 -2.31 29.38
C VAL B 404 -27.89 -1.21 28.52
N ARG B 405 -27.32 0.00 28.59
CA ARG B 405 -27.80 1.12 27.78
C ARG B 405 -27.76 0.80 26.30
N LEU B 406 -26.66 0.22 25.82
CA LEU B 406 -26.57 -0.10 24.41
C LEU B 406 -27.60 -1.16 24.00
N ARG B 407 -27.71 -2.23 24.80
CA ARG B 407 -28.69 -3.27 24.52
C ARG B 407 -30.12 -2.71 24.55
N ALA B 408 -30.40 -1.82 25.50
CA ALA B 408 -31.75 -1.28 25.60
C ALA B 408 -32.13 -0.46 24.38
N ALA B 409 -31.15 0.19 23.75
CA ALA B 409 -31.45 0.92 22.53
C ALA B 409 -31.99 -0.02 21.45
N ASP B 410 -31.47 -1.25 21.41
CA ASP B 410 -31.97 -2.23 20.46
C ASP B 410 -33.35 -2.74 20.84
N LEU B 411 -33.52 -3.15 22.10
CA LEU B 411 -34.83 -3.56 22.58
C LEU B 411 -35.90 -2.52 22.34
N LEU B 412 -35.59 -1.24 22.54
CA LEU B 412 -36.59 -0.19 22.35
C LEU B 412 -36.77 0.22 20.90
N GLY B 413 -35.99 -0.33 19.97
CA GLY B 413 -36.04 0.12 18.59
C GLY B 413 -35.79 1.59 18.35
N LEU B 414 -34.78 2.17 19.00
CA LEU B 414 -34.44 3.57 18.76
C LEU B 414 -33.81 3.72 17.38
N LYS B 415 -34.30 4.69 16.61
CA LYS B 415 -33.74 4.98 15.29
C LYS B 415 -32.45 5.78 15.49
N ARG B 416 -31.33 5.08 15.41
CA ARG B 416 -30.00 5.69 15.50
C ARG B 416 -29.49 5.94 14.08
N GLU B 417 -29.25 7.20 13.75
CA GLU B 417 -29.00 7.58 12.37
C GLU B 417 -27.71 8.40 12.25
N GLY B 418 -27.17 8.42 11.04
CA GLY B 418 -26.08 9.32 10.70
C GLY B 418 -24.74 8.91 11.30
N PHE B 419 -23.83 9.88 11.28
CA PHE B 419 -22.44 9.66 11.69
C PHE B 419 -22.12 10.62 12.82
N ARG B 420 -21.94 10.07 14.01
CA ARG B 420 -21.66 10.85 15.21
C ARG B 420 -20.24 10.53 15.67
N PHE B 421 -19.29 11.36 15.26
CA PHE B 421 -17.90 11.24 15.69
C PHE B 421 -17.71 11.91 17.06
N LEU B 422 -16.67 11.45 17.77
CA LEU B 422 -16.20 12.18 18.94
C LEU B 422 -14.78 11.76 19.27
N TRP B 423 -14.05 12.66 19.90
CA TRP B 423 -12.75 12.33 20.46
C TRP B 423 -12.92 11.96 21.92
N VAL B 424 -12.18 10.94 22.35
CA VAL B 424 -12.02 10.62 23.76
C VAL B 424 -10.56 10.91 24.09
N VAL B 425 -10.33 11.78 25.08
CA VAL B 425 -9.00 12.29 25.37
C VAL B 425 -8.70 12.09 26.85
N ASP B 426 -7.46 12.40 27.23
CA ASP B 426 -7.00 12.31 28.62
C ASP B 426 -7.13 10.89 29.15
N PHE B 427 -6.78 9.92 28.33
CA PHE B 427 -6.75 8.54 28.81
C PHE B 427 -5.72 8.42 29.93
N PRO B 428 -5.97 7.61 30.94
CA PRO B 428 -4.92 7.31 31.92
C PRO B 428 -3.80 6.54 31.24
N LEU B 429 -2.59 6.70 31.77
CA LEU B 429 -1.46 5.98 31.18
C LEU B 429 -1.61 4.48 31.37
N LEU B 430 -2.19 4.06 32.49
CA LEU B 430 -2.34 2.65 32.84
C LEU B 430 -3.82 2.28 32.94
N GLU B 431 -4.12 1.04 32.57
CA GLU B 431 -5.44 0.45 32.72
C GLU B 431 -5.39 -0.68 33.73
N TRP B 432 -6.38 -0.75 34.59
CA TRP B 432 -6.46 -1.81 35.59
C TRP B 432 -7.18 -3.01 34.99
N ASP B 433 -6.46 -4.13 34.87
CA ASP B 433 -7.06 -5.40 34.47
C ASP B 433 -7.81 -5.96 35.67
N GLU B 434 -9.15 -5.90 35.63
CA GLU B 434 -9.94 -6.40 36.74
C GLU B 434 -9.68 -7.88 37.00
N GLU B 435 -9.35 -8.64 35.96
CA GLU B 435 -9.07 -10.07 36.09
C GLU B 435 -7.69 -10.31 36.72
N GLU B 436 -6.63 -10.08 35.95
CA GLU B 436 -5.26 -10.39 36.38
C GLU B 436 -4.76 -9.48 37.51
N GLU B 437 -5.59 -8.56 38.03
CA GLU B 437 -5.22 -7.63 39.09
C GLU B 437 -3.85 -6.99 38.84
N ALA B 438 -3.76 -6.29 37.71
CA ALA B 438 -2.47 -5.73 37.31
C ALA B 438 -2.68 -4.47 36.49
N TRP B 439 -1.65 -3.63 36.49
CA TRP B 439 -1.63 -2.44 35.65
C TRP B 439 -1.07 -2.80 34.29
N THR B 440 -1.77 -2.41 33.24
CA THR B 440 -1.28 -2.51 31.88
C THR B 440 -1.51 -1.18 31.17
N TYR B 441 -0.78 -0.96 30.08
CA TYR B 441 -0.90 0.28 29.35
C TYR B 441 -2.09 0.23 28.39
N MET B 442 -2.88 1.31 28.38
CA MET B 442 -3.99 1.41 27.43
C MET B 442 -3.47 1.51 25.99
N HIS B 443 -2.59 2.46 25.74
CA HIS B 443 -1.89 2.60 24.47
C HIS B 443 -0.45 2.14 24.64
N HIS B 444 0.21 1.84 23.52
CA HIS B 444 1.54 1.24 23.46
C HIS B 444 2.57 2.01 24.31
N PRO B 445 3.71 1.41 24.64
CA PRO B 445 4.61 2.04 25.64
C PRO B 445 5.30 3.31 25.18
N PHE B 446 5.13 3.75 23.94
CA PHE B 446 5.78 4.97 23.49
C PHE B 446 4.89 6.20 23.67
N THR B 447 3.73 6.03 24.29
CA THR B 447 2.83 7.16 24.56
C THR B 447 3.42 8.05 25.65
N SER B 448 3.39 9.34 25.42
CA SER B 448 3.94 10.24 26.42
C SER B 448 2.96 10.43 27.57
N PRO B 449 3.39 10.30 28.82
CA PRO B 449 2.57 10.78 29.93
C PRO B 449 2.37 12.29 29.83
N HIS B 450 1.36 12.77 30.53
CA HIS B 450 1.16 14.20 30.62
C HIS B 450 2.36 14.83 31.31
N PRO B 451 2.99 15.85 30.72
CA PRO B 451 4.18 16.44 31.35
C PRO B 451 3.96 16.94 32.77
N GLU B 452 2.75 17.39 33.10
CA GLU B 452 2.48 17.82 34.48
C GLU B 452 2.51 16.66 35.47
N ASP B 453 2.38 15.43 35.00
CA ASP B 453 2.28 14.26 35.87
C ASP B 453 3.58 13.49 36.00
N LEU B 454 4.68 13.99 35.43
CA LEU B 454 5.93 13.23 35.45
C LEU B 454 6.39 12.83 36.85
N PRO B 455 6.34 13.68 37.89
CA PRO B 455 6.69 13.21 39.24
C PRO B 455 5.76 12.13 39.77
N LEU B 456 4.58 11.95 39.21
CA LEU B 456 3.68 10.89 39.68
C LEU B 456 4.06 9.52 39.16
N LEU B 457 4.96 9.46 38.17
CA LEU B 457 5.39 8.16 37.63
C LEU B 457 5.98 7.28 38.72
N GLU B 458 6.73 7.88 39.64
CA GLU B 458 7.31 7.17 40.78
C GLU B 458 6.45 7.25 42.02
N LYS B 459 5.65 8.32 42.16
CA LYS B 459 4.89 8.56 43.38
C LYS B 459 3.51 7.87 43.36
N ASP B 460 2.77 8.01 42.26
CA ASP B 460 1.42 7.47 42.18
C ASP B 460 1.07 7.15 40.73
N PRO B 461 1.53 6.01 40.19
CA PRO B 461 1.39 5.77 38.74
C PRO B 461 -0.05 5.74 38.25
N GLY B 462 -1.01 5.38 39.10
CA GLY B 462 -2.40 5.27 38.64
C GLY B 462 -3.06 6.59 38.37
N ARG B 463 -2.55 7.68 38.96
CA ARG B 463 -3.05 9.03 38.68
C ARG B 463 -2.49 9.63 37.40
N VAL B 464 -1.55 8.97 36.73
CA VAL B 464 -0.84 9.57 35.61
C VAL B 464 -1.71 9.57 34.37
N ARG B 465 -1.92 10.75 33.79
CA ARG B 465 -2.63 10.88 32.53
C ARG B 465 -1.67 10.73 31.35
N ALA B 466 -2.21 10.29 30.23
CA ALA B 466 -1.43 10.11 29.00
C ALA B 466 -1.92 11.08 27.93
N LEU B 467 -0.99 11.53 27.09
CA LEU B 467 -1.32 12.39 25.96
C LEU B 467 -1.83 11.54 24.79
N ALA B 468 -2.90 10.79 25.06
CA ALA B 468 -3.49 9.86 24.10
C ALA B 468 -4.94 10.20 23.83
N TYR B 469 -5.44 9.65 22.72
CA TYR B 469 -6.75 10.03 22.21
C TYR B 469 -7.27 8.92 21.31
N ASP B 470 -8.57 8.68 21.37
CA ASP B 470 -9.25 7.78 20.44
C ASP B 470 -10.27 8.58 19.64
N LEU B 471 -10.42 8.23 18.37
CA LEU B 471 -11.51 8.71 17.54
C LEU B 471 -12.61 7.66 17.55
N VAL B 472 -13.83 8.07 17.87
CA VAL B 472 -14.96 7.17 17.97
C VAL B 472 -16.02 7.60 16.96
N LEU B 473 -16.58 6.62 16.27
CA LEU B 473 -17.70 6.82 15.36
C LEU B 473 -18.80 5.84 15.72
N ASN B 474 -19.95 6.35 16.14
CA ASN B 474 -21.14 5.53 16.39
C ASN B 474 -20.84 4.37 17.34
N GLY B 475 -20.10 4.66 18.41
CA GLY B 475 -19.80 3.63 19.38
C GLY B 475 -18.71 2.67 18.95
N VAL B 476 -17.97 2.99 17.89
CA VAL B 476 -16.92 2.11 17.37
C VAL B 476 -15.60 2.89 17.37
N GLU B 477 -14.56 2.29 17.92
CA GLU B 477 -13.24 2.91 17.89
C GLU B 477 -12.66 2.82 16.50
N VAL B 478 -12.57 3.96 15.80
CA VAL B 478 -12.06 3.99 14.44
C VAL B 478 -10.67 4.59 14.34
N GLY B 479 -10.15 5.18 15.41
CA GLY B 479 -8.81 5.73 15.39
C GLY B 479 -8.25 5.78 16.79
N GLY B 480 -6.94 5.76 16.87
CA GLY B 480 -6.26 5.90 18.15
C GLY B 480 -4.84 6.38 17.96
N GLY B 481 -4.37 7.25 18.84
CA GLY B 481 -3.02 7.77 18.74
C GLY B 481 -2.61 8.47 20.02
N SER B 482 -1.47 9.16 19.96
CA SER B 482 -0.90 9.79 21.15
C SER B 482 0.29 10.66 20.76
N ILE B 483 0.61 11.62 21.62
CA ILE B 483 1.92 12.26 21.60
C ILE B 483 2.95 11.28 22.14
N ARG B 484 4.11 11.21 21.50
CA ARG B 484 5.12 10.23 21.85
C ARG B 484 6.14 10.80 22.84
N ILE B 485 6.96 9.91 23.39
CA ILE B 485 8.12 10.29 24.17
C ILE B 485 9.28 10.50 23.22
N HIS B 486 9.92 11.67 23.30
CA HIS B 486 11.11 11.94 22.49
C HIS B 486 12.37 12.10 23.34
N ASP B 487 12.26 12.01 24.66
CA ASP B 487 13.44 12.05 25.52
C ASP B 487 13.85 10.62 25.86
N PRO B 488 15.07 10.19 25.54
CA PRO B 488 15.47 8.80 25.82
C PRO B 488 15.44 8.46 27.29
N ARG B 489 15.76 9.41 28.17
CA ARG B 489 15.69 9.14 29.61
C ARG B 489 14.27 8.81 30.03
N LEU B 490 13.31 9.64 29.62
CA LEU B 490 11.91 9.41 29.99
C LEU B 490 11.38 8.11 29.41
N GLN B 491 11.79 7.77 28.19
CA GLN B 491 11.28 6.55 27.57
C GLN B 491 11.76 5.31 28.31
N ALA B 492 13.00 5.34 28.81
CA ALA B 492 13.47 4.25 29.66
C ALA B 492 12.76 4.28 31.00
N ARG B 493 12.51 5.47 31.54
CA ARG B 493 11.77 5.62 32.79
C ARG B 493 10.38 5.01 32.68
N VAL B 494 9.70 5.23 31.55
CA VAL B 494 8.37 4.65 31.35
C VAL B 494 8.47 3.14 31.10
N PHE B 495 9.52 2.69 30.41
CA PHE B 495 9.76 1.25 30.28
C PHE B 495 9.97 0.60 31.64
N ARG B 496 10.74 1.25 32.52
CA ARG B 496 10.92 0.75 33.87
C ARG B 496 9.58 0.61 34.59
N LEU B 497 8.70 1.60 34.43
CA LEU B 497 7.40 1.57 35.07
C LEU B 497 6.56 0.40 34.55
N LEU B 498 6.53 0.23 33.23
CA LEU B 498 5.74 -0.87 32.67
C LEU B 498 6.34 -2.27 32.94
N GLY B 499 7.33 -2.41 33.82
CA GLY B 499 7.91 -3.70 34.12
C GLY B 499 8.79 -4.24 33.01
N ILE B 500 9.68 -3.40 32.48
CA ILE B 500 10.58 -3.76 31.37
C ILE B 500 11.97 -3.35 31.80
N GLY B 501 12.80 -4.32 32.19
CA GLY B 501 14.15 -4.03 32.64
C GLY B 501 15.06 -3.65 31.49
N GLU B 502 16.28 -3.23 31.86
CA GLU B 502 17.24 -2.76 30.87
C GLU B 502 17.56 -3.84 29.84
N GLU B 503 17.60 -5.11 30.27
CA GLU B 503 17.89 -6.19 29.33
C GLU B 503 16.80 -6.30 28.27
N GLU B 504 15.53 -6.23 28.69
CA GLU B 504 14.43 -6.30 27.73
C GLU B 504 14.37 -5.06 26.85
N GLN B 505 14.73 -3.89 27.40
CA GLN B 505 14.75 -2.67 26.62
C GLN B 505 15.73 -2.77 25.46
N ARG B 506 16.95 -3.22 25.74
CA ARG B 506 17.97 -3.28 24.69
C ARG B 506 17.60 -4.30 23.62
N GLU B 507 17.04 -5.44 24.03
CA GLU B 507 16.80 -6.52 23.08
C GLU B 507 15.62 -6.23 22.16
N LYS B 508 14.59 -5.56 22.67
CA LYS B 508 13.41 -5.26 21.87
C LYS B 508 13.42 -3.87 21.25
N PHE B 509 13.98 -2.87 21.94
CA PHE B 509 13.86 -1.47 21.51
C PHE B 509 15.18 -0.72 21.53
N GLY B 510 16.31 -1.42 21.69
CA GLY B 510 17.59 -0.75 21.80
C GLY B 510 17.88 0.19 20.64
N PHE B 511 17.61 -0.27 19.41
CA PHE B 511 17.84 0.59 18.25
C PHE B 511 17.03 1.86 18.32
N PHE B 512 15.82 1.81 18.89
CA PHE B 512 14.95 2.98 18.89
C PHE B 512 15.34 3.95 20.01
N LEU B 513 15.67 3.41 21.18
CA LEU B 513 16.14 4.28 22.27
C LEU B 513 17.42 4.98 21.88
N GLU B 514 18.30 4.29 21.14
CA GLU B 514 19.50 4.94 20.62
C GLU B 514 19.14 6.07 19.68
N ALA B 515 18.12 5.88 18.83
CA ALA B 515 17.71 6.93 17.91
C ALA B 515 17.23 8.17 18.65
N LEU B 516 16.60 8.00 19.82
CA LEU B 516 16.17 9.14 20.62
C LEU B 516 17.34 9.96 21.14
N GLU B 517 18.55 9.41 21.15
CA GLU B 517 19.72 10.11 21.65
C GLU B 517 20.33 11.05 20.63
N TYR B 518 19.86 11.03 19.38
CA TYR B 518 20.41 11.85 18.31
C TYR B 518 19.55 13.06 17.97
N GLY B 519 18.72 13.51 18.91
CA GLY B 519 17.95 14.70 18.69
C GLY B 519 16.61 14.38 18.06
N ALA B 520 15.75 13.72 18.82
CA ALA B 520 14.40 13.43 18.34
C ALA B 520 13.51 14.64 18.58
N PRO B 521 12.73 15.06 17.60
CA PRO B 521 11.84 16.20 17.81
C PRO B 521 10.62 15.77 18.63
N PRO B 522 9.87 16.73 19.17
CA PRO B 522 8.52 16.39 19.66
C PRO B 522 7.70 15.88 18.50
N HIS B 523 6.94 14.80 18.75
CA HIS B 523 6.09 14.29 17.67
C HIS B 523 4.93 13.51 18.26
N GLY B 524 3.94 13.27 17.40
CA GLY B 524 2.76 12.51 17.77
C GLY B 524 2.01 12.14 16.50
N GLY B 525 1.06 11.24 16.65
CA GLY B 525 0.28 10.84 15.49
C GLY B 525 -0.92 9.99 15.86
N ILE B 526 -1.47 9.33 14.85
CA ILE B 526 -2.70 8.57 15.00
C ILE B 526 -2.71 7.52 13.90
N ALA B 527 -3.64 6.57 13.99
CA ALA B 527 -3.92 5.62 12.93
C ALA B 527 -5.41 5.34 12.93
N TRP B 528 -6.02 5.40 11.73
CA TRP B 528 -7.41 5.02 11.54
C TRP B 528 -7.53 3.53 11.24
N GLY B 529 -8.63 2.94 11.68
CA GLY B 529 -9.00 1.63 11.21
C GLY B 529 -9.80 1.74 9.93
N LEU B 530 -9.13 1.64 8.79
CA LEU B 530 -9.76 1.97 7.52
C LEU B 530 -10.90 1.01 7.19
N ASP B 531 -10.68 -0.29 7.40
CA ASP B 531 -11.75 -1.27 7.17
C ASP B 531 -12.93 -1.00 8.09
N ARG B 532 -12.68 -0.66 9.35
CA ARG B 532 -13.76 -0.31 10.26
C ARG B 532 -14.55 0.88 9.76
N LEU B 533 -13.84 1.95 9.40
CA LEU B 533 -14.50 3.16 8.91
C LEU B 533 -15.37 2.87 7.69
N LEU B 534 -14.82 2.15 6.71
CA LEU B 534 -15.55 1.86 5.48
C LEU B 534 -16.77 0.99 5.75
N ALA B 535 -16.63 0.01 6.65
CA ALA B 535 -17.76 -0.77 7.08
C ALA B 535 -18.87 0.10 7.65
N LEU B 536 -18.49 1.12 8.44
CA LEU B 536 -19.49 2.00 9.01
C LEU B 536 -20.10 2.90 7.95
N MET B 537 -19.28 3.37 7.00
CA MET B 537 -19.79 4.24 5.94
C MET B 537 -20.80 3.52 5.06
N THR B 538 -20.66 2.21 4.90
CA THR B 538 -21.56 1.44 4.05
C THR B 538 -22.65 0.73 4.84
N GLY B 539 -22.72 0.91 6.15
CA GLY B 539 -23.65 0.14 6.94
C GLY B 539 -23.43 -1.36 6.84
N SER B 540 -22.18 -1.80 6.60
CA SER B 540 -21.91 -3.23 6.51
C SER B 540 -21.82 -3.84 7.90
N PRO B 541 -22.28 -5.09 8.07
CA PRO B 541 -22.19 -5.73 9.40
C PRO B 541 -20.81 -6.26 9.70
N SER B 542 -19.92 -6.33 8.71
CA SER B 542 -18.59 -6.88 8.90
C SER B 542 -17.64 -6.17 7.96
N ILE B 543 -16.37 -6.08 8.37
CA ILE B 543 -15.35 -5.51 7.50
C ILE B 543 -15.07 -6.40 6.30
N ARG B 544 -15.55 -7.65 6.32
CA ARG B 544 -15.36 -8.53 5.17
C ARG B 544 -16.08 -8.01 3.94
N GLU B 545 -17.10 -7.17 4.12
CA GLU B 545 -17.87 -6.59 3.03
C GLU B 545 -17.15 -5.47 2.30
N VAL B 546 -16.05 -4.95 2.85
CA VAL B 546 -15.31 -3.84 2.24
C VAL B 546 -13.86 -4.22 1.97
N ILE B 547 -13.53 -5.50 2.06
CA ILE B 547 -12.21 -6.02 1.71
C ILE B 547 -12.41 -6.92 0.50
N ALA B 548 -11.55 -6.75 -0.51
CA ALA B 548 -11.76 -7.46 -1.76
C ALA B 548 -11.73 -8.97 -1.56
N PHE B 549 -10.65 -9.48 -0.97
CA PHE B 549 -10.45 -10.93 -0.79
C PHE B 549 -10.11 -11.19 0.68
N PRO B 550 -11.11 -11.16 1.55
CA PRO B 550 -10.86 -11.34 2.99
C PRO B 550 -10.79 -12.81 3.39
N LYS B 551 -10.36 -13.02 4.63
CA LYS B 551 -10.40 -14.34 5.23
C LYS B 551 -11.77 -14.58 5.87
N ASN B 552 -12.09 -15.86 6.12
CA ASN B 552 -13.27 -16.15 6.92
C ASN B 552 -12.95 -15.96 8.41
N LYS B 553 -13.92 -16.30 9.26
CA LYS B 553 -13.77 -16.06 10.70
C LYS B 553 -12.64 -16.85 11.33
N GLU B 554 -12.23 -17.96 10.73
CA GLU B 554 -11.10 -18.73 11.22
C GLU B 554 -9.79 -18.35 10.52
N GLY B 555 -9.75 -17.18 9.87
CA GLY B 555 -8.53 -16.73 9.24
C GLY B 555 -8.10 -17.55 8.04
N LYS B 556 -9.02 -18.28 7.43
CA LYS B 556 -8.74 -19.12 6.27
C LYS B 556 -9.33 -18.51 5.01
N ASP B 557 -8.71 -18.84 3.88
CA ASP B 557 -9.13 -18.34 2.57
C ASP B 557 -9.79 -19.49 1.81
N PRO B 558 -11.12 -19.59 1.82
CA PRO B 558 -11.77 -20.66 1.04
C PRO B 558 -11.49 -20.58 -0.44
N LEU B 559 -11.24 -19.40 -0.97
CA LEU B 559 -10.97 -19.26 -2.40
C LEU B 559 -9.68 -19.96 -2.79
N THR B 560 -8.60 -19.73 -2.06
CA THR B 560 -7.30 -20.24 -2.47
C THR B 560 -6.87 -21.52 -1.75
N GLY B 561 -7.49 -21.85 -0.62
CA GLY B 561 -7.02 -22.95 0.18
C GLY B 561 -5.97 -22.59 1.22
N ALA B 562 -5.58 -21.32 1.31
CA ALA B 562 -4.66 -20.90 2.35
C ALA B 562 -5.39 -20.83 3.69
N PRO B 563 -4.71 -21.15 4.80
CA PRO B 563 -3.36 -21.70 4.85
C PRO B 563 -3.38 -23.18 4.56
N SER B 564 -2.25 -23.73 4.15
CA SER B 564 -2.21 -25.09 3.63
C SER B 564 -0.88 -25.71 4.04
N PRO B 565 -0.75 -27.03 3.93
CA PRO B 565 0.56 -27.65 4.11
C PRO B 565 1.50 -27.24 2.98
N VAL B 566 2.78 -27.45 3.23
CA VAL B 566 3.81 -27.27 2.20
C VAL B 566 4.62 -28.56 2.12
N PRO B 567 5.25 -28.83 0.98
CA PRO B 567 6.03 -30.06 0.85
C PRO B 567 7.03 -30.23 1.98
N GLU B 568 7.24 -31.48 2.38
CA GLU B 568 8.24 -31.77 3.42
C GLU B 568 9.61 -31.28 3.00
N GLU B 569 9.89 -31.25 1.69
CA GLU B 569 11.16 -30.71 1.21
C GLU B 569 11.28 -29.22 1.50
N GLN B 570 10.20 -28.46 1.31
CA GLN B 570 10.26 -27.02 1.52
C GLN B 570 10.44 -26.68 2.99
N LEU B 571 9.76 -27.41 3.88
CA LEU B 571 9.94 -27.15 5.30
C LEU B 571 11.33 -27.56 5.77
N ARG B 572 11.90 -28.60 5.17
CA ARG B 572 13.27 -29.02 5.49
C ARG B 572 14.26 -27.90 5.18
N GLU B 573 14.06 -27.20 4.05
CA GLU B 573 15.00 -26.18 3.62
C GLU B 573 15.05 -25.01 4.60
N LEU B 574 13.95 -24.75 5.32
CA LEU B 574 13.95 -23.71 6.34
C LEU B 574 14.57 -24.15 7.65
N GLY B 575 14.96 -25.43 7.77
CA GLY B 575 15.49 -25.91 9.04
C GLY B 575 14.49 -25.96 10.17
N LEU B 576 13.20 -26.11 9.85
CA LEU B 576 12.16 -26.22 10.85
C LEU B 576 11.36 -27.50 10.62
N MET B 577 10.75 -27.99 11.71
CA MET B 577 9.86 -29.13 11.62
C MET B 577 8.69 -28.91 12.57
N VAL B 578 7.59 -29.59 12.28
CA VAL B 578 6.38 -29.47 13.08
C VAL B 578 6.50 -30.38 14.31
N VAL B 579 6.16 -29.83 15.48
CA VAL B 579 6.26 -30.58 16.72
C VAL B 579 5.20 -31.68 16.74
N ARG B 580 5.60 -32.87 17.17
CA ARG B 580 4.66 -33.98 17.31
C ARG B 580 3.86 -33.81 18.60
N PRO B 581 2.52 -33.92 18.55
CA PRO B 581 1.69 -33.85 19.75
C PRO B 581 1.80 -35.09 20.64
C5' G5H C . 7.26 -7.00 -13.43
O2' G5H C . 10.73 -4.10 -13.62
C4' G5H C . 8.34 -5.96 -13.25
O4' G5H C . 8.68 -5.86 -11.85
C3' G5H C . 9.67 -6.29 -13.92
O3' G5H C . 9.62 -5.92 -15.29
C2' G5H C . 10.65 -5.43 -13.12
C1' G5H C . 10.01 -5.40 -11.72
C5 G5H C . 11.42 -8.41 -10.03
C6 G5H C . 10.69 -7.62 -10.84
C4 G5H C . 12.26 -7.82 -9.03
O4 G5H C . 12.97 -8.44 -8.24
C2 G5H C . 11.49 -5.61 -9.79
O2 G5H C . 11.49 -4.40 -9.65
N G5H C . 2.67 -10.29 -12.47
CA G5H C . 3.60 -9.94 -13.55
C G5H C . 4.97 -9.79 -12.89
O G5H C . 5.25 -9.70 -11.69
CB G5H C . 3.30 -8.64 -14.28
CG G5H C . 2.18 -8.82 -15.31
OD1 G5H C . 1.25 -7.99 -15.28
OD2 G5H C . 2.26 -9.77 -16.11
N1 G5H C . 10.72 -6.25 -10.75
N3 G5H C . 12.22 -6.44 -8.99
N3S G5H C . 6.05 -9.75 -13.83
O1S G5H C . 8.04 -10.54 -12.55
O2S G5H C . 8.33 -9.39 -14.73
O5' G5H C . 7.71 -8.20 -12.74
S G5H C . 7.61 -9.58 -13.51
C5' G5H D . -5.32 2.03 15.65
O2' G5H D . -9.74 1.54 14.64
C4' G5H D . -6.70 1.75 15.08
O4' G5H D . -6.64 0.58 14.24
C3' G5H D . -7.77 1.41 16.10
O3' G5H D . -8.36 2.58 16.67
C2' G5H D . -8.80 0.66 15.26
C1' G5H D . -7.93 0.00 14.17
C5 G5H D . -6.86 -3.33 15.47
C6 G5H D . -6.99 -2.00 15.30
C4 G5H D . -7.59 -4.22 14.62
O4 G5H D . -7.53 -5.46 14.65
C2 G5H D . -8.55 -2.26 13.49
O2 G5H D . -9.30 -1.80 12.64
N G5H D . 0.44 2.38 16.46
CA G5H D . -0.85 2.90 16.93
C G5H D . -1.85 1.77 16.72
O G5H D . -1.82 0.85 15.91
CB G5H D . -1.33 4.17 16.21
CG G5H D . -0.74 5.42 16.83
OD1 G5H D . -0.47 6.37 16.06
OD2 G5H D . -0.56 5.44 18.08
N1 G5H D . -7.80 -1.45 14.33
N3 G5H D . -8.39 -3.60 13.68
N3S G5H D . -3.00 1.81 17.59
O1S G5H D . -3.63 -0.55 17.75
O2S G5H D . -5.25 1.20 18.40
O5' G5H D . -4.79 0.76 16.12
S G5H D . -4.19 0.75 17.58
#